data_5HEK
#
_entry.id   5HEK
#
_cell.length_a   69.725
_cell.length_b   69.725
_cell.length_c   532.752
_cell.angle_alpha   90.00
_cell.angle_beta   90.00
_cell.angle_gamma   90.00
#
_symmetry.space_group_name_H-M   'P 43 21 2'
#
_entity_poly.entity_id   1
_entity_poly.type   'polypeptide(L)'
_entity_poly.pdbx_seq_one_letter_code
;MIQIYHADAFEIIKDFYQQNLKVDAIITDPPYNISVKNNFPTLKSAKRQGIDFGEWDKNFKLLEWIARYAPLVNPNGCMV
IFCSYRFISYIADFLEENGFVVKDFIQWVKNNPMPRNIHRRYVQDTEFALWAVKKKAKWVFNKPKNEKYLRPLILKSPVV
SGLEKTKHPTQKSLALMEKIISIHTNPNDIVLDPFMGSGTTGLACKNLERNFIGIESEKEYFQTAKKRLNLFLEHHHHHH
;
_entity_poly.pdbx_strand_id   A,B,C,D
#
# COMPACT_ATOMS: atom_id res chain seq x y z
N MET A 1 -2.49 -38.34 3.01
CA MET A 1 -1.47 -37.92 2.06
C MET A 1 -0.70 -36.71 2.56
N ILE A 2 0.61 -36.84 2.67
CA ILE A 2 1.40 -35.68 3.04
C ILE A 2 2.54 -35.46 2.06
N GLN A 3 2.58 -34.25 1.53
CA GLN A 3 3.57 -33.90 0.52
C GLN A 3 4.14 -32.54 0.84
N ILE A 4 5.45 -32.47 1.04
CA ILE A 4 6.10 -31.22 1.37
C ILE A 4 7.19 -30.91 0.34
N TYR A 5 7.45 -29.63 0.13
CA TYR A 5 8.44 -29.20 -0.85
C TYR A 5 9.45 -28.27 -0.18
N HIS A 6 10.70 -28.37 -0.62
CA HIS A 6 11.70 -27.38 -0.24
C HIS A 6 11.85 -26.46 -1.42
N ALA A 7 11.31 -25.25 -1.31
CA ALA A 7 11.27 -24.35 -2.43
C ALA A 7 10.88 -22.94 -2.03
N ASP A 8 10.88 -22.04 -3.00
CA ASP A 8 10.44 -20.67 -2.79
C ASP A 8 8.97 -20.56 -3.20
N ALA A 9 8.13 -20.10 -2.28
CA ALA A 9 6.69 -20.11 -2.50
C ALA A 9 6.29 -19.30 -3.72
N PHE A 10 7.13 -18.34 -4.10
CA PHE A 10 6.80 -17.46 -5.20
C PHE A 10 7.29 -18.03 -6.53
N GLU A 11 7.79 -19.26 -6.50
CA GLU A 11 8.29 -19.90 -7.72
C GLU A 11 7.54 -21.21 -7.99
N ILE A 12 7.56 -22.13 -7.03
CA ILE A 12 6.78 -23.37 -7.11
C ILE A 12 5.29 -23.10 -7.36
N ILE A 13 4.83 -21.90 -7.01
CA ILE A 13 3.44 -21.54 -7.26
C ILE A 13 3.12 -21.63 -8.75
N LYS A 14 4.10 -21.32 -9.60
CA LYS A 14 3.87 -21.37 -11.04
C LYS A 14 3.63 -22.81 -11.49
N ASP A 15 4.36 -23.72 -10.87
CA ASP A 15 4.23 -25.15 -11.10
C ASP A 15 2.87 -25.65 -10.65
N PHE A 16 2.35 -25.06 -9.58
CA PHE A 16 1.02 -25.41 -9.09
C PHE A 16 -0.04 -24.98 -10.08
N TYR A 17 0.24 -23.91 -10.84
CA TYR A 17 -0.69 -23.45 -11.85
C TYR A 17 -0.74 -24.46 -13.01
N GLN A 18 0.41 -25.02 -13.36
CA GLN A 18 0.52 -25.95 -14.48
C GLN A 18 -0.16 -27.29 -14.17
N GLN A 19 -0.12 -27.66 -12.89
CA GLN A 19 -0.70 -28.91 -12.41
C GLN A 19 -2.19 -28.76 -12.13
N ASN A 20 -2.67 -27.52 -12.26
CA ASN A 20 -4.03 -27.14 -11.85
C ASN A 20 -4.36 -27.78 -10.52
N LEU A 21 -3.57 -27.41 -9.51
CA LEU A 21 -3.74 -27.95 -8.17
C LEU A 21 -4.92 -27.27 -7.51
N LYS A 22 -5.65 -28.06 -6.73
CA LYS A 22 -6.76 -27.55 -5.96
C LYS A 22 -6.55 -27.98 -4.51
N VAL A 23 -6.63 -27.01 -3.60
CA VAL A 23 -6.51 -27.27 -2.16
C VAL A 23 -7.78 -26.77 -1.50
N ASP A 24 -8.16 -27.39 -0.39
CA ASP A 24 -9.38 -26.96 0.30
C ASP A 24 -9.16 -25.75 1.21
N ALA A 25 -8.04 -25.71 1.94
CA ALA A 25 -7.79 -24.59 2.85
C ALA A 25 -6.30 -24.20 2.96
N ILE A 26 -6.03 -22.91 3.02
CA ILE A 26 -4.67 -22.46 3.30
C ILE A 26 -4.62 -21.96 4.72
N ILE A 27 -3.88 -22.69 5.55
CA ILE A 27 -3.70 -22.35 6.96
C ILE A 27 -2.23 -22.14 7.22
N THR A 28 -1.85 -20.88 7.45
CA THR A 28 -0.44 -20.52 7.44
C THR A 28 -0.13 -19.32 8.33
N ASP A 29 1.17 -19.13 8.58
CA ASP A 29 1.67 -17.95 9.30
C ASP A 29 2.80 -17.33 8.44
N PRO A 30 2.42 -16.38 7.57
CA PRO A 30 3.25 -15.63 6.60
C PRO A 30 4.37 -14.86 7.27
N PRO A 31 5.43 -14.49 6.52
CA PRO A 31 6.55 -13.75 7.12
C PRO A 31 6.25 -12.27 7.38
N TYR A 32 7.19 -11.57 8.03
CA TYR A 32 6.98 -10.20 8.53
C TYR A 32 5.71 -10.06 9.39
N ASN A 33 4.72 -9.33 8.85
CA ASN A 33 3.45 -8.99 9.53
C ASN A 33 3.63 -7.97 10.65
N LYS A 58 5.13 0.68 1.00
CA LYS A 58 4.54 -0.39 0.20
C LYS A 58 4.16 -1.63 1.01
N ASN A 59 2.87 -1.81 1.26
CA ASN A 59 2.40 -3.09 1.70
C ASN A 59 1.80 -3.77 0.48
N PHE A 60 2.54 -4.69 -0.13
CA PHE A 60 2.02 -5.40 -1.29
C PHE A 60 2.24 -6.93 -1.27
N LYS A 61 3.46 -7.49 -1.22
CA LYS A 61 4.71 -7.06 -0.52
C LYS A 61 4.56 -6.75 1.01
N LEU A 62 4.34 -7.81 1.80
CA LEU A 62 3.83 -9.05 1.24
C LEU A 62 2.44 -9.34 1.76
N LEU A 63 1.48 -8.87 1.00
CA LEU A 63 0.10 -9.31 0.99
C LEU A 63 -0.01 -10.21 -0.23
N GLU A 64 1.09 -10.24 -0.99
CA GLU A 64 1.10 -10.68 -2.38
C GLU A 64 0.98 -12.18 -2.55
N TRP A 65 1.47 -12.92 -1.56
CA TRP A 65 1.34 -14.35 -1.60
C TRP A 65 -0.15 -14.70 -1.66
N ILE A 66 -0.96 -13.87 -1.02
CA ILE A 66 -2.41 -14.06 -1.01
C ILE A 66 -2.99 -14.01 -2.41
N ALA A 67 -2.67 -12.96 -3.14
CA ALA A 67 -3.18 -12.78 -4.50
C ALA A 67 -2.70 -13.90 -5.41
N ARG A 68 -1.50 -14.40 -5.11
CA ARG A 68 -0.92 -15.43 -5.93
C ARG A 68 -1.46 -16.83 -5.60
N TYR A 69 -1.68 -17.11 -4.32
CA TYR A 69 -2.16 -18.42 -3.92
C TYR A 69 -3.70 -18.53 -3.81
N ALA A 70 -4.39 -17.41 -3.85
CA ALA A 70 -5.85 -17.42 -3.72
C ALA A 70 -6.55 -18.27 -4.78
N PRO A 71 -6.04 -18.27 -6.03
CA PRO A 71 -6.72 -19.11 -7.03
C PRO A 71 -6.74 -20.61 -6.76
N LEU A 72 -5.86 -21.13 -5.88
CA LEU A 72 -5.80 -22.57 -5.63
C LEU A 72 -6.97 -23.12 -4.80
N VAL A 73 -7.71 -22.23 -4.14
CA VAL A 73 -8.72 -22.66 -3.17
C VAL A 73 -10.02 -23.06 -3.85
N ASN A 74 -10.55 -24.22 -3.48
CA ASN A 74 -11.84 -24.73 -3.98
C ASN A 74 -12.97 -23.75 -3.66
N PRO A 75 -14.07 -23.78 -4.44
CA PRO A 75 -15.18 -22.84 -4.25
C PRO A 75 -15.73 -22.76 -2.83
N ASN A 76 -15.66 -23.86 -2.08
CA ASN A 76 -16.14 -23.94 -0.70
C ASN A 76 -15.03 -23.78 0.33
N GLY A 77 -13.81 -23.54 -0.13
CA GLY A 77 -12.67 -23.48 0.77
C GLY A 77 -12.57 -22.21 1.59
N CYS A 78 -11.64 -22.20 2.53
CA CYS A 78 -11.42 -21.07 3.41
C CYS A 78 -9.93 -20.75 3.48
N MET A 79 -9.60 -19.69 4.20
CA MET A 79 -8.21 -19.36 4.54
C MET A 79 -8.16 -19.05 6.04
N VAL A 80 -7.06 -19.43 6.67
CA VAL A 80 -6.76 -18.98 8.02
C VAL A 80 -5.34 -18.43 8.07
N ILE A 81 -5.22 -17.13 8.30
CA ILE A 81 -3.92 -16.45 8.30
C ILE A 81 -3.60 -15.80 9.64
N PHE A 82 -2.58 -16.32 10.30
CA PHE A 82 -2.07 -15.74 11.53
C PHE A 82 -1.44 -14.37 11.25
N CYS A 83 -1.70 -13.38 12.10
CA CYS A 83 -1.11 -12.05 11.89
C CYS A 83 -1.09 -11.14 13.13
N SER A 84 -0.62 -9.92 12.89
CA SER A 84 -0.47 -8.92 13.92
C SER A 84 -1.57 -7.88 13.80
N TYR A 85 -1.96 -7.32 14.94
CA TYR A 85 -3.03 -6.32 14.96
C TYR A 85 -2.65 -5.07 14.19
N ARG A 86 -1.37 -4.94 13.84
CA ARG A 86 -0.90 -3.80 13.06
C ARG A 86 -1.12 -4.04 11.57
N PHE A 87 -1.63 -5.22 11.23
CA PHE A 87 -1.76 -5.65 9.84
C PHE A 87 -3.18 -6.12 9.50
N ILE A 88 -3.80 -6.92 10.38
CA ILE A 88 -5.07 -7.60 10.06
C ILE A 88 -6.10 -6.80 9.25
N SER A 89 -6.21 -5.49 9.47
CA SER A 89 -7.14 -4.68 8.68
C SER A 89 -6.74 -4.68 7.22
N TYR A 90 -5.43 -4.59 6.97
CA TYR A 90 -4.88 -4.64 5.62
C TYR A 90 -5.10 -5.99 4.96
N ILE A 91 -4.77 -7.05 5.69
CA ILE A 91 -4.95 -8.41 5.18
C ILE A 91 -6.42 -8.70 4.85
N ALA A 92 -7.31 -8.33 5.75
CA ALA A 92 -8.73 -8.61 5.57
C ALA A 92 -9.27 -7.89 4.33
N ASP A 93 -8.99 -6.59 4.21
CA ASP A 93 -9.44 -5.84 3.05
C ASP A 93 -8.88 -6.43 1.78
N PHE A 94 -7.62 -6.84 1.83
CA PHE A 94 -6.98 -7.44 0.68
C PHE A 94 -7.64 -8.75 0.30
N LEU A 95 -7.95 -9.58 1.29
CA LEU A 95 -8.63 -10.85 1.05
C LEU A 95 -9.94 -10.63 0.31
N GLU A 96 -10.70 -9.65 0.78
CA GLU A 96 -12.01 -9.36 0.23
C GLU A 96 -11.86 -8.67 -1.13
N GLU A 97 -10.64 -8.29 -1.48
CA GLU A 97 -10.40 -7.76 -2.82
C GLU A 97 -10.09 -8.91 -3.80
N ASN A 98 -9.64 -10.03 -3.25
CA ASN A 98 -9.22 -11.20 -4.00
C ASN A 98 -10.23 -12.34 -4.11
N GLY A 99 -11.48 -12.10 -3.67
CA GLY A 99 -12.54 -13.09 -3.83
C GLY A 99 -12.91 -13.90 -2.62
N PHE A 100 -12.51 -13.43 -1.44
CA PHE A 100 -12.88 -14.07 -0.19
C PHE A 100 -13.79 -13.17 0.65
N VAL A 101 -14.57 -13.75 1.55
CA VAL A 101 -15.37 -12.96 2.51
C VAL A 101 -14.84 -13.18 3.92
N VAL A 102 -14.42 -12.12 4.60
CA VAL A 102 -13.84 -12.32 5.93
C VAL A 102 -14.96 -12.53 6.94
N LYS A 103 -15.01 -13.71 7.54
CA LYS A 103 -16.07 -14.05 8.48
C LYS A 103 -15.76 -13.57 9.90
N ASP A 104 -14.58 -13.88 10.41
CA ASP A 104 -14.20 -13.44 11.74
C ASP A 104 -12.70 -13.57 12.00
N PHE A 105 -12.30 -13.27 13.22
CA PHE A 105 -10.92 -13.42 13.66
C PHE A 105 -10.90 -14.35 14.85
N ILE A 106 -9.83 -15.12 15.01
CA ILE A 106 -9.68 -15.98 16.17
C ILE A 106 -8.40 -15.62 16.88
N GLN A 107 -8.29 -16.00 18.15
CA GLN A 107 -7.15 -15.66 18.96
C GLN A 107 -6.80 -16.79 19.91
N TRP A 108 -5.57 -16.78 20.40
CA TRP A 108 -5.15 -17.70 21.44
C TRP A 108 -4.16 -17.00 22.39
N VAL A 109 -4.24 -17.36 23.67
CA VAL A 109 -3.50 -16.66 24.70
C VAL A 109 -2.45 -17.54 25.37
N LYS A 110 -1.30 -16.95 25.71
CA LYS A 110 -0.27 -17.68 26.43
C LYS A 110 -0.37 -17.35 27.92
N ASN A 111 -0.21 -18.37 28.78
CA ASN A 111 -0.31 -18.14 30.22
C ASN A 111 0.97 -17.64 30.86
N ASN A 112 2.09 -17.87 30.19
CA ASN A 112 3.37 -17.40 30.70
C ASN A 112 4.06 -16.51 29.67
N PRO A 113 3.88 -15.18 29.80
CA PRO A 113 4.50 -14.17 28.94
C PRO A 113 6.00 -13.94 29.24
N MET A 114 6.60 -13.03 28.49
CA MET A 114 8.03 -12.70 28.58
C MET A 114 8.66 -12.09 29.86
N PRO A 115 7.96 -11.21 30.60
CA PRO A 115 6.63 -10.57 30.51
C PRO A 115 6.35 -9.52 29.40
N ARG A 116 7.17 -8.50 29.08
CA ARG A 116 8.46 -8.17 29.69
C ARG A 116 8.31 -7.11 30.82
N ASN A 117 8.07 -5.85 30.44
CA ASN A 117 8.03 -4.73 31.41
C ASN A 117 6.63 -4.50 31.96
N ILE A 118 6.41 -4.90 33.21
CA ILE A 118 5.05 -4.96 33.73
C ILE A 118 4.59 -3.72 34.49
N HIS A 119 5.54 -2.87 34.89
CA HIS A 119 5.16 -1.66 35.62
C HIS A 119 4.79 -0.49 34.72
N ARG A 120 5.27 -0.49 33.47
CA ARG A 120 4.88 0.54 32.52
C ARG A 120 3.90 0.10 31.41
N ARG A 121 3.59 -1.19 31.31
CA ARG A 121 2.89 -1.69 30.11
C ARG A 121 2.15 -3.02 30.31
N TYR A 122 1.22 -3.33 29.41
CA TYR A 122 0.56 -4.63 29.43
C TYR A 122 1.56 -5.69 28.98
N VAL A 123 1.38 -6.93 29.41
CA VAL A 123 2.13 -8.04 28.80
C VAL A 123 1.41 -8.50 27.54
N GLN A 124 2.15 -8.87 26.49
CA GLN A 124 1.44 -9.36 25.31
C GLN A 124 1.34 -10.88 25.46
N ASP A 125 0.16 -11.33 25.87
CA ASP A 125 -0.11 -12.75 26.04
C ASP A 125 -0.84 -13.36 24.84
N THR A 126 -1.31 -12.50 23.95
CA THR A 126 -2.31 -12.85 22.96
C THR A 126 -1.82 -12.80 21.51
N GLU A 127 -2.14 -13.84 20.72
CA GLU A 127 -1.85 -13.84 19.29
C GLU A 127 -3.14 -14.00 18.48
N PHE A 128 -3.16 -13.43 17.26
CA PHE A 128 -4.38 -13.40 16.47
C PHE A 128 -4.27 -14.20 15.19
N ALA A 129 -5.42 -14.60 14.66
CA ALA A 129 -5.49 -15.18 13.33
C ALA A 129 -6.73 -14.69 12.62
N LEU A 130 -6.64 -14.54 11.31
CA LEU A 130 -7.80 -14.17 10.50
C LEU A 130 -8.47 -15.39 9.83
N TRP A 131 -9.80 -15.39 9.84
CA TRP A 131 -10.58 -16.42 9.16
C TRP A 131 -11.46 -15.83 8.05
N ALA A 132 -11.20 -16.23 6.81
CA ALA A 132 -11.98 -15.77 5.67
C ALA A 132 -12.40 -16.96 4.80
N VAL A 133 -13.52 -16.84 4.09
CA VAL A 133 -13.98 -17.91 3.22
C VAL A 133 -14.17 -17.40 1.81
N LYS A 134 -14.26 -18.32 0.84
CA LYS A 134 -14.50 -17.98 -0.54
C LYS A 134 -15.88 -17.34 -0.60
N LYS A 135 -16.14 -16.52 -1.62
CA LYS A 135 -17.29 -15.62 -1.57
C LYS A 135 -18.64 -16.32 -1.40
N LYS A 136 -19.02 -17.15 -2.37
CA LYS A 136 -20.31 -17.82 -2.27
C LYS A 136 -20.15 -19.19 -1.60
N ALA A 137 -18.97 -19.43 -1.06
CA ALA A 137 -18.62 -20.70 -0.44
C ALA A 137 -19.63 -21.19 0.60
N LYS A 138 -19.81 -22.51 0.61
CA LYS A 138 -20.42 -23.19 1.72
C LYS A 138 -19.29 -23.73 2.56
N TRP A 139 -19.03 -23.08 3.69
CA TRP A 139 -17.80 -23.33 4.42
C TRP A 139 -17.98 -24.42 5.46
N VAL A 140 -16.91 -24.73 6.17
CA VAL A 140 -16.91 -25.87 7.07
C VAL A 140 -17.39 -25.48 8.49
N PHE A 141 -16.66 -24.61 9.18
CA PHE A 141 -16.91 -24.35 10.62
C PHE A 141 -16.83 -25.65 11.38
N ASN A 142 -17.97 -26.26 11.72
CA ASN A 142 -17.97 -27.63 12.27
C ASN A 142 -17.71 -27.89 13.80
N LYS A 143 -17.49 -26.86 14.62
CA LYS A 143 -18.26 -26.73 15.90
C LYS A 143 -18.53 -28.01 16.72
N PRO A 144 -17.64 -28.40 17.67
CA PRO A 144 -17.89 -29.67 18.38
C PRO A 144 -19.29 -29.86 18.96
N LYS A 145 -19.73 -28.95 19.81
CA LYS A 145 -21.14 -28.87 20.21
C LYS A 145 -21.41 -27.32 20.21
N ASN A 146 -20.76 -26.56 21.11
CA ASN A 146 -20.84 -26.73 22.57
C ASN A 146 -21.63 -25.70 23.45
N GLU A 147 -21.99 -24.47 23.01
CA GLU A 147 -21.72 -23.78 21.72
C GLU A 147 -20.66 -22.68 21.89
N LYS A 148 -19.86 -22.41 20.85
CA LYS A 148 -18.45 -22.02 21.03
C LYS A 148 -17.98 -20.59 20.76
N TYR A 149 -16.90 -20.24 21.48
CA TYR A 149 -16.35 -18.90 21.52
C TYR A 149 -15.27 -18.66 20.47
N LEU A 150 -14.58 -17.53 20.60
CA LEU A 150 -13.60 -17.04 19.66
C LEU A 150 -12.13 -17.44 19.91
N ARG A 151 -11.86 -18.08 21.04
CA ARG A 151 -10.48 -18.30 21.47
C ARG A 151 -10.22 -19.76 21.84
N PRO A 152 -9.75 -20.55 20.86
CA PRO A 152 -9.54 -22.00 20.91
C PRO A 152 -8.73 -22.48 22.12
N LEU A 153 -7.69 -21.75 22.54
CA LEU A 153 -6.82 -22.22 23.61
C LEU A 153 -6.46 -21.19 24.66
N ILE A 154 -6.24 -21.66 25.89
CA ILE A 154 -5.58 -20.89 26.94
C ILE A 154 -4.09 -21.28 26.90
N LEU A 155 -3.84 -22.40 26.24
CA LEU A 155 -2.53 -23.01 25.98
C LEU A 155 -1.57 -23.09 27.19
N LYS A 156 -0.29 -23.26 26.92
CA LYS A 156 0.77 -23.30 27.92
C LYS A 156 2.01 -22.52 27.48
N SER A 157 2.63 -23.02 26.41
CA SER A 157 4.04 -22.79 26.07
C SER A 157 4.48 -21.33 26.07
N PRO A 158 5.48 -21.01 26.90
CA PRO A 158 6.00 -19.65 27.08
C PRO A 158 7.17 -19.29 26.15
N VAL A 159 7.66 -18.05 26.27
CA VAL A 159 8.89 -17.61 25.61
C VAL A 159 9.31 -16.24 26.17
N GLN A 171 7.23 -21.55 18.96
CA GLN A 171 5.97 -21.87 18.29
C GLN A 171 6.19 -23.00 17.26
N LYS A 172 5.14 -23.73 16.88
CA LYS A 172 3.76 -23.54 17.37
C LYS A 172 3.27 -24.76 18.12
N SER A 173 2.30 -24.58 19.00
CA SER A 173 1.81 -25.73 19.75
C SER A 173 0.97 -26.57 18.79
N LEU A 174 1.18 -27.87 18.86
CA LEU A 174 0.44 -28.79 18.03
C LEU A 174 -1.05 -28.71 18.35
N ALA A 175 -1.36 -28.55 19.63
CA ALA A 175 -2.75 -28.56 20.09
C ALA A 175 -3.55 -27.43 19.47
N LEU A 176 -2.91 -26.26 19.34
CA LEU A 176 -3.54 -25.10 18.72
C LEU A 176 -3.93 -25.39 17.28
N MET A 177 -2.95 -25.84 16.49
CA MET A 177 -3.20 -26.14 15.08
C MET A 177 -4.22 -27.23 14.88
N GLU A 178 -4.20 -28.23 15.76
CA GLU A 178 -5.16 -29.33 15.66
C GLU A 178 -6.58 -28.81 15.81
N LYS A 179 -6.80 -27.84 16.68
CA LYS A 179 -8.15 -27.35 16.91
C LYS A 179 -8.61 -26.45 15.78
N ILE A 180 -7.71 -25.63 15.25
CA ILE A 180 -8.00 -24.84 14.07
C ILE A 180 -8.37 -25.75 12.90
N ILE A 181 -7.53 -26.74 12.67
CA ILE A 181 -7.72 -27.67 11.57
C ILE A 181 -8.95 -28.58 11.82
N SER A 182 -9.21 -28.90 13.08
CA SER A 182 -10.43 -29.65 13.43
C SER A 182 -11.66 -28.85 13.06
N ILE A 183 -11.58 -27.54 13.25
CA ILE A 183 -12.70 -26.66 12.95
C ILE A 183 -12.85 -26.48 11.44
N HIS A 184 -11.94 -25.73 10.83
CA HIS A 184 -12.22 -25.22 9.48
C HIS A 184 -11.99 -26.21 8.35
N THR A 185 -11.62 -27.44 8.66
CA THR A 185 -11.51 -28.49 7.64
C THR A 185 -12.19 -29.79 8.04
N ASN A 186 -12.45 -30.61 7.02
CA ASN A 186 -12.98 -31.97 7.13
C ASN A 186 -11.92 -33.02 6.73
N PRO A 187 -12.11 -34.30 7.14
CA PRO A 187 -11.08 -35.34 7.03
C PRO A 187 -10.33 -35.48 5.70
N ASN A 188 -10.95 -35.45 4.54
CA ASN A 188 -10.11 -35.57 3.33
C ASN A 188 -9.81 -34.25 2.61
N ASP A 189 -10.22 -33.12 3.20
CA ASP A 189 -9.95 -31.82 2.59
C ASP A 189 -8.44 -31.59 2.46
N ILE A 190 -8.01 -30.81 1.48
CA ILE A 190 -6.58 -30.59 1.28
C ILE A 190 -6.08 -29.28 1.92
N VAL A 191 -5.17 -29.39 2.88
CA VAL A 191 -4.69 -28.20 3.58
C VAL A 191 -3.31 -27.79 3.07
N LEU A 192 -3.15 -26.50 2.84
CA LEU A 192 -1.90 -25.99 2.28
C LEU A 192 -1.22 -24.95 3.17
N ASP A 193 0.06 -25.15 3.43
CA ASP A 193 0.83 -24.21 4.23
C ASP A 193 2.10 -23.81 3.49
N PRO A 194 2.01 -22.74 2.68
CA PRO A 194 3.07 -22.20 1.83
C PRO A 194 4.29 -21.76 2.63
N PHE A 195 4.07 -21.35 3.88
CA PHE A 195 5.16 -21.25 4.84
C PHE A 195 4.88 -22.19 6.02
N MET A 196 5.46 -23.37 6.01
CA MET A 196 5.07 -24.37 7.03
C MET A 196 6.00 -24.39 8.22
N GLY A 197 7.14 -23.70 8.09
CA GLY A 197 8.15 -23.66 9.12
C GLY A 197 8.61 -25.04 9.58
N SER A 198 8.49 -25.26 10.87
CA SER A 198 8.80 -26.53 11.52
C SER A 198 7.86 -27.65 11.09
N GLY A 199 6.88 -27.36 10.25
CA GLY A 199 5.72 -28.23 10.13
C GLY A 199 4.70 -27.75 11.14
N THR A 200 4.07 -28.71 11.81
CA THR A 200 3.06 -28.51 12.86
C THR A 200 1.72 -28.15 12.28
N THR A 201 1.69 -27.64 11.06
CA THR A 201 0.41 -27.56 10.38
C THR A 201 0.20 -28.91 9.75
N GLY A 202 1.27 -29.43 9.17
CA GLY A 202 1.28 -30.73 8.54
C GLY A 202 1.12 -31.85 9.53
N LEU A 203 1.76 -31.71 10.69
CA LEU A 203 1.66 -32.75 11.70
C LEU A 203 0.22 -32.81 12.24
N ALA A 204 -0.39 -31.65 12.44
CA ALA A 204 -1.78 -31.60 12.90
C ALA A 204 -2.71 -32.28 11.90
N CYS A 205 -2.50 -31.96 10.62
CA CYS A 205 -3.29 -32.55 9.54
C CYS A 205 -3.14 -34.06 9.51
N LYS A 206 -1.96 -34.54 9.82
CA LYS A 206 -1.69 -35.98 9.78
C LYS A 206 -2.45 -36.70 10.87
N ASN A 207 -2.38 -36.16 12.09
CA ASN A 207 -3.09 -36.75 13.20
C ASN A 207 -4.59 -36.68 12.96
N LEU A 208 -5.03 -35.66 12.24
CA LEU A 208 -6.43 -35.48 11.95
C LEU A 208 -6.75 -36.08 10.58
N GLU A 209 -5.73 -36.69 9.98
CA GLU A 209 -5.88 -37.42 8.72
C GLU A 209 -6.35 -36.53 7.59
N ARG A 210 -5.81 -35.32 7.50
CA ARG A 210 -6.30 -34.32 6.55
C ARG A 210 -5.56 -34.00 5.23
N ASN A 211 -4.60 -34.80 4.80
CA ASN A 211 -4.03 -34.58 3.45
C ASN A 211 -3.35 -33.23 3.28
N PHE A 212 -2.16 -33.10 3.86
CA PHE A 212 -1.40 -31.86 3.88
C PHE A 212 -0.51 -31.64 2.63
N ILE A 213 -0.38 -30.39 2.21
CA ILE A 213 0.71 -29.96 1.34
C ILE A 213 1.36 -28.76 1.99
N GLY A 214 2.67 -28.64 1.94
CA GLY A 214 3.35 -27.51 2.56
C GLY A 214 4.64 -27.13 1.88
N ILE A 215 5.06 -25.88 2.09
CA ILE A 215 6.29 -25.35 1.52
C ILE A 215 7.14 -24.66 2.59
N GLU A 216 8.45 -24.87 2.53
CA GLU A 216 9.39 -24.17 3.41
C GLU A 216 10.67 -23.80 2.66
N SER A 217 11.13 -22.58 2.84
CA SER A 217 12.30 -22.09 2.10
C SER A 217 13.66 -22.55 2.65
N GLU A 218 13.87 -22.43 3.96
CA GLU A 218 15.17 -22.75 4.56
C GLU A 218 15.31 -24.23 4.90
N LYS A 219 16.49 -24.79 4.64
CA LYS A 219 16.64 -26.24 4.68
C LYS A 219 16.51 -26.83 6.09
N GLU A 220 17.02 -26.13 7.10
CA GLU A 220 16.99 -26.70 8.44
C GLU A 220 15.54 -26.89 8.91
N TYR A 221 14.68 -25.88 8.72
CA TYR A 221 13.29 -26.02 9.10
C TYR A 221 12.59 -27.06 8.23
N PHE A 222 12.98 -27.12 6.95
CA PHE A 222 12.41 -28.09 6.05
C PHE A 222 12.71 -29.50 6.54
N GLN A 223 13.96 -29.74 6.91
CA GLN A 223 14.36 -31.06 7.36
C GLN A 223 13.69 -31.41 8.68
N THR A 224 13.47 -30.38 9.51
CA THR A 224 12.76 -30.54 10.80
C THR A 224 11.31 -30.95 10.58
N ALA A 225 10.67 -30.30 9.61
CA ALA A 225 9.30 -30.65 9.29
C ALA A 225 9.24 -32.05 8.67
N LYS A 226 10.24 -32.36 7.86
CA LYS A 226 10.25 -33.62 7.16
C LYS A 226 10.48 -34.78 8.12
N LYS A 227 11.28 -34.57 9.16
CA LYS A 227 11.54 -35.64 10.11
C LYS A 227 10.33 -35.82 11.05
N ARG A 228 9.68 -34.72 11.41
CA ARG A 228 8.51 -34.77 12.30
C ARG A 228 7.40 -35.54 11.63
N LEU A 229 7.37 -35.41 10.31
CA LEU A 229 6.44 -36.10 9.41
C LEU A 229 7.01 -37.41 8.85
N ASN A 230 8.15 -37.86 9.39
CA ASN A 230 8.75 -39.13 8.95
C ASN A 230 9.16 -39.08 7.47
N LEU A 231 8.46 -39.82 6.63
CA LEU A 231 8.75 -39.86 5.21
C LEU A 231 10.14 -40.48 4.96
N PHE A 232 11.04 -39.77 4.28
CA PHE A 232 12.33 -40.33 3.86
C PHE A 232 12.16 -41.67 3.13
N MET B 1 -3.96 -17.02 -37.98
CA MET B 1 -4.80 -17.60 -36.95
C MET B 1 -5.23 -16.57 -35.93
N ILE B 2 -6.53 -16.40 -35.75
CA ILE B 2 -7.05 -15.48 -34.75
C ILE B 2 -8.07 -16.11 -33.81
N GLN B 3 -7.83 -15.97 -32.52
CA GLN B 3 -8.71 -16.54 -31.53
C GLN B 3 -8.97 -15.54 -30.40
N ILE B 4 -10.24 -15.23 -30.18
CA ILE B 4 -10.64 -14.29 -29.16
C ILE B 4 -11.60 -14.95 -28.16
N TYR B 5 -11.57 -14.47 -26.92
CA TYR B 5 -12.44 -15.01 -25.89
C TYR B 5 -13.21 -13.92 -25.17
N HIS B 6 -14.42 -14.25 -24.77
CA HIS B 6 -15.16 -13.38 -23.87
C HIS B 6 -15.06 -13.98 -22.48
N ALA B 7 -14.22 -13.39 -21.65
CA ALA B 7 -13.95 -13.95 -20.35
C ALA B 7 -13.13 -12.99 -19.49
N ASP B 8 -12.90 -13.41 -18.25
CA ASP B 8 -12.07 -12.65 -17.33
C ASP B 8 -10.65 -13.17 -17.41
N ALA B 9 -9.71 -12.26 -17.64
CA ALA B 9 -8.33 -12.65 -17.85
C ALA B 9 -7.77 -13.40 -16.64
N PHE B 10 -8.37 -13.17 -15.48
CA PHE B 10 -7.87 -13.72 -14.22
C PHE B 10 -8.43 -15.09 -13.91
N GLU B 11 -9.22 -15.65 -14.82
CA GLU B 11 -9.83 -16.96 -14.61
C GLU B 11 -9.43 -17.91 -15.73
N ILE B 12 -9.71 -17.51 -16.96
CA ILE B 12 -9.31 -18.26 -18.14
C ILE B 12 -7.82 -18.57 -18.17
N ILE B 13 -7.02 -17.83 -17.40
CA ILE B 13 -5.58 -18.08 -17.33
C ILE B 13 -5.26 -19.52 -16.88
N LYS B 14 -6.08 -20.09 -16.00
CA LYS B 14 -5.85 -21.46 -15.56
C LYS B 14 -6.09 -22.43 -16.73
N ASP B 15 -7.08 -22.10 -17.57
CA ASP B 15 -7.33 -22.88 -18.79
C ASP B 15 -6.12 -22.80 -19.73
N PHE B 16 -5.42 -21.68 -19.71
CA PHE B 16 -4.21 -21.54 -20.51
C PHE B 16 -3.09 -22.43 -19.97
N TYR B 17 -3.09 -22.65 -18.66
CA TYR B 17 -2.14 -23.58 -18.07
C TYR B 17 -2.50 -25.04 -18.41
N GLN B 18 -3.79 -25.33 -18.50
CA GLN B 18 -4.20 -26.70 -18.82
C GLN B 18 -3.86 -27.03 -20.26
N GLN B 19 -3.99 -26.03 -21.13
CA GLN B 19 -3.75 -26.26 -22.55
C GLN B 19 -2.27 -26.18 -22.86
N ASN B 20 -1.48 -25.86 -21.84
CA ASN B 20 -0.08 -25.53 -22.03
C ASN B 20 0.07 -24.58 -23.20
N LEU B 21 -0.51 -23.41 -23.05
CA LEU B 21 -0.45 -22.40 -24.09
C LEU B 21 0.92 -21.74 -23.98
N LYS B 22 1.51 -21.43 -25.11
CA LYS B 22 2.75 -20.68 -25.14
C LYS B 22 2.57 -19.55 -26.14
N VAL B 23 2.89 -18.33 -25.73
CA VAL B 23 2.75 -17.17 -26.58
C VAL B 23 4.10 -16.46 -26.77
N ASP B 24 4.28 -15.83 -27.92
CA ASP B 24 5.54 -15.14 -28.21
C ASP B 24 5.61 -13.72 -27.61
N ALA B 25 4.52 -12.97 -27.68
CA ALA B 25 4.53 -11.60 -27.17
C ALA B 25 3.19 -11.21 -26.57
N ILE B 26 3.23 -10.55 -25.41
CA ILE B 26 2.02 -10.01 -24.84
C ILE B 26 2.05 -8.50 -25.02
N ILE B 27 1.11 -7.98 -25.80
CA ILE B 27 0.98 -6.55 -26.03
C ILE B 27 -0.40 -6.08 -25.59
N THR B 28 -0.46 -5.29 -24.53
CA THR B 28 -1.74 -5.03 -23.92
C THR B 28 -1.83 -3.67 -23.22
N ASP B 29 -3.07 -3.20 -22.99
CA ASP B 29 -3.32 -1.98 -22.23
C ASP B 29 -4.38 -2.25 -21.18
N PRO B 30 -3.96 -2.70 -19.99
CA PRO B 30 -4.93 -3.02 -18.94
C PRO B 30 -5.76 -1.82 -18.51
N PRO B 31 -7.00 -2.06 -18.03
CA PRO B 31 -7.91 -0.98 -17.62
C PRO B 31 -7.57 -0.39 -16.25
N ASN B 59 -5.34 0.26 -7.34
CA ASN B 59 -4.49 -0.27 -8.40
C ASN B 59 -4.42 -1.80 -8.32
N PHE B 60 -3.47 -2.33 -7.54
CA PHE B 60 -3.39 -3.77 -7.29
C PHE B 60 -3.30 -4.63 -8.56
N LYS B 61 -4.44 -5.12 -9.03
CA LYS B 61 -4.55 -6.15 -10.06
C LYS B 61 -3.73 -5.81 -11.33
N LEU B 62 -3.32 -4.55 -11.44
CA LEU B 62 -2.46 -4.08 -12.52
C LEU B 62 -1.05 -4.67 -12.47
N LEU B 63 -0.60 -5.09 -11.28
CA LEU B 63 0.61 -5.90 -11.14
C LEU B 63 0.39 -7.41 -11.19
N GLU B 64 -0.81 -7.86 -10.85
CA GLU B 64 -0.99 -9.28 -10.57
C GLU B 64 -1.12 -10.15 -11.82
N TRP B 65 -1.72 -9.58 -12.88
CA TRP B 65 -1.82 -10.28 -14.15
C TRP B 65 -0.46 -10.60 -14.76
N ILE B 66 0.51 -9.72 -14.50
CA ILE B 66 1.88 -9.93 -14.96
C ILE B 66 2.44 -11.24 -14.44
N ALA B 67 2.37 -11.41 -13.12
CA ALA B 67 2.93 -12.61 -12.50
C ALA B 67 2.24 -13.89 -13.00
N ARG B 68 0.94 -13.81 -13.32
CA ARG B 68 0.22 -14.99 -13.78
C ARG B 68 0.38 -15.27 -15.27
N TYR B 69 0.50 -14.22 -16.07
CA TYR B 69 0.60 -14.42 -17.51
C TYR B 69 2.03 -14.56 -18.02
N ALA B 70 2.99 -14.22 -17.17
CA ALA B 70 4.40 -14.28 -17.57
C ALA B 70 4.89 -15.67 -17.98
N PRO B 71 4.48 -16.72 -17.25
CA PRO B 71 5.06 -18.01 -17.67
C PRO B 71 4.69 -18.43 -19.09
N LEU B 72 3.63 -17.87 -19.67
CA LEU B 72 3.17 -18.28 -20.98
C LEU B 72 4.11 -17.87 -22.11
N VAL B 73 5.02 -16.96 -21.82
CA VAL B 73 5.87 -16.39 -22.85
C VAL B 73 7.08 -17.28 -23.17
N ASN B 74 7.31 -17.50 -24.47
CA ASN B 74 8.45 -18.28 -24.95
C ASN B 74 9.78 -17.65 -24.54
N PRO B 75 10.86 -18.48 -24.48
CA PRO B 75 12.16 -18.01 -23.98
C PRO B 75 12.65 -16.72 -24.61
N ASN B 76 12.32 -16.51 -25.88
CA ASN B 76 12.74 -15.31 -26.62
C ASN B 76 11.71 -14.19 -26.68
N GLY B 77 10.58 -14.36 -26.00
CA GLY B 77 9.48 -13.41 -26.10
C GLY B 77 9.61 -12.14 -25.29
N CYS B 78 8.74 -11.19 -25.57
CA CYS B 78 8.77 -9.90 -24.89
C CYS B 78 7.38 -9.51 -24.43
N MET B 79 7.29 -8.36 -23.77
CA MET B 79 6.00 -7.78 -23.40
C MET B 79 6.03 -6.31 -23.75
N VAL B 80 4.87 -5.78 -24.17
CA VAL B 80 4.68 -4.36 -24.34
C VAL B 80 3.43 -3.92 -23.57
N ILE B 81 3.65 -3.13 -22.53
CA ILE B 81 2.58 -2.74 -21.62
C ILE B 81 2.32 -1.24 -21.55
N PHE B 82 1.14 -0.82 -22.01
CA PHE B 82 0.74 0.55 -21.85
C PHE B 82 0.53 0.86 -20.37
N CYS B 83 1.02 2.01 -19.91
CA CYS B 83 0.82 2.38 -18.51
C CYS B 83 0.94 3.87 -18.30
N SER B 84 0.82 4.25 -17.03
CA SER B 84 0.87 5.63 -16.59
C SER B 84 2.18 5.97 -15.93
N TYR B 85 2.60 7.23 -16.01
CA TYR B 85 3.85 7.62 -15.37
C TYR B 85 3.74 7.47 -13.84
N ARG B 86 2.52 7.28 -13.34
CA ARG B 86 2.31 7.12 -11.90
C ARG B 86 2.46 5.66 -11.47
N PHE B 87 2.70 4.80 -12.45
CA PHE B 87 2.69 3.34 -12.27
C PHE B 87 3.98 2.74 -12.82
N ILE B 88 4.35 3.18 -14.03
CA ILE B 88 5.42 2.58 -14.83
C ILE B 88 6.68 2.19 -13.98
N SER B 89 7.03 2.98 -12.97
CA SER B 89 8.17 2.59 -12.13
C SER B 89 7.87 1.27 -11.39
N TYR B 90 6.62 1.11 -10.96
CA TYR B 90 6.20 -0.12 -10.31
C TYR B 90 6.21 -1.33 -11.27
N ILE B 91 5.55 -1.15 -12.41
CA ILE B 91 5.42 -2.21 -13.40
C ILE B 91 6.78 -2.67 -13.90
N ALA B 92 7.66 -1.72 -14.18
CA ALA B 92 8.98 -2.07 -14.69
C ALA B 92 9.75 -2.90 -13.68
N ASP B 93 9.80 -2.40 -12.46
CA ASP B 93 10.46 -3.11 -11.38
C ASP B 93 9.80 -4.48 -11.12
N PHE B 94 8.48 -4.54 -11.23
CA PHE B 94 7.77 -5.81 -11.04
C PHE B 94 8.15 -6.83 -12.12
N LEU B 95 8.25 -6.34 -13.35
CA LEU B 95 8.68 -7.15 -14.47
C LEU B 95 10.05 -7.76 -14.20
N GLU B 96 10.97 -6.97 -13.64
CA GLU B 96 12.32 -7.45 -13.42
C GLU B 96 12.48 -8.45 -12.27
N GLU B 97 11.48 -8.57 -11.40
CA GLU B 97 11.51 -9.62 -10.39
C GLU B 97 10.89 -10.94 -10.90
N ASN B 98 10.11 -10.85 -11.97
CA ASN B 98 9.36 -11.97 -12.54
C ASN B 98 10.01 -12.70 -13.72
N GLY B 99 11.28 -12.38 -14.01
CA GLY B 99 12.01 -13.10 -15.04
C GLY B 99 12.07 -12.36 -16.34
N PHE B 100 11.74 -11.07 -16.27
CA PHE B 100 11.87 -10.19 -17.41
C PHE B 100 12.92 -9.12 -17.18
N VAL B 101 13.47 -8.61 -18.27
CA VAL B 101 14.40 -7.49 -18.23
C VAL B 101 13.77 -6.28 -18.89
N VAL B 102 13.70 -5.17 -18.16
CA VAL B 102 13.10 -3.98 -18.73
C VAL B 102 14.13 -3.36 -19.66
N LYS B 103 13.78 -3.30 -20.95
CA LYS B 103 14.70 -2.82 -21.96
C LYS B 103 14.52 -1.31 -22.12
N ASP B 104 13.30 -0.88 -22.41
CA ASP B 104 13.06 0.54 -22.61
C ASP B 104 11.57 0.94 -22.50
N PHE B 105 11.26 2.21 -22.73
CA PHE B 105 9.88 2.66 -22.73
C PHE B 105 9.63 3.35 -24.06
N ILE B 106 8.42 3.25 -24.57
CA ILE B 106 8.08 3.96 -25.80
C ILE B 106 6.91 4.87 -25.53
N GLN B 107 6.73 5.89 -26.37
CA GLN B 107 5.65 6.82 -26.17
C GLN B 107 5.11 7.32 -27.51
N TRP B 108 3.89 7.85 -27.49
CA TRP B 108 3.25 8.43 -28.67
C TRP B 108 2.39 9.61 -28.24
N VAL B 109 2.19 10.57 -29.14
CA VAL B 109 1.46 11.77 -28.76
C VAL B 109 0.08 11.82 -29.43
N LYS B 110 -0.90 12.32 -28.69
CA LYS B 110 -2.27 12.45 -29.14
C LYS B 110 -2.45 13.91 -29.59
N ASN B 111 -3.11 14.14 -30.72
CA ASN B 111 -3.29 15.52 -31.17
C ASN B 111 -4.47 16.23 -30.52
N ASN B 112 -5.45 15.47 -30.03
CA ASN B 112 -6.56 16.09 -29.33
C ASN B 112 -6.81 15.50 -27.95
N PRO B 113 -6.09 16.01 -26.93
CA PRO B 113 -6.28 15.69 -25.52
C PRO B 113 -7.44 16.50 -24.94
N MET B 114 -7.71 16.35 -23.64
CA MET B 114 -8.65 17.25 -22.97
C MET B 114 -8.78 16.97 -21.47
N PRO B 115 -8.78 18.03 -20.64
CA PRO B 115 -9.13 17.92 -19.22
C PRO B 115 -10.64 17.78 -18.99
N ASN B 117 -5.37 22.13 -18.66
CA ASN B 117 -6.51 22.83 -18.10
C ASN B 117 -7.22 23.85 -19.03
N ILE B 118 -6.53 24.59 -19.93
CA ILE B 118 -5.07 24.64 -20.10
C ILE B 118 -4.36 25.81 -19.42
N HIS B 119 -5.11 26.82 -18.99
CA HIS B 119 -4.48 28.01 -18.44
C HIS B 119 -3.65 27.83 -17.17
N ARG B 120 -3.98 26.81 -16.38
CA ARG B 120 -3.21 26.51 -15.17
C ARG B 120 -2.27 25.31 -15.22
N ARG B 121 -2.25 24.58 -16.34
CA ARG B 121 -1.61 23.25 -16.38
C ARG B 121 -1.17 22.83 -17.79
N TYR B 122 -0.27 21.85 -17.86
CA TYR B 122 0.10 21.30 -19.17
C TYR B 122 -1.06 20.53 -19.75
N VAL B 123 -1.12 20.47 -21.08
CA VAL B 123 -2.09 19.59 -21.75
C VAL B 123 -1.52 18.18 -21.71
N GLN B 124 -2.36 17.19 -21.45
CA GLN B 124 -1.77 15.87 -21.40
C GLN B 124 -1.91 15.26 -22.79
N ASP B 125 -0.82 15.33 -23.55
CA ASP B 125 -0.80 14.78 -24.90
C ASP B 125 -0.15 13.39 -24.98
N THR B 126 0.53 12.99 -23.92
CA THR B 126 1.47 11.89 -24.05
C THR B 126 1.07 10.63 -23.31
N GLU B 127 1.17 9.50 -24.01
CA GLU B 127 0.90 8.19 -23.42
C GLU B 127 2.16 7.33 -23.46
N PHE B 128 2.29 6.43 -22.50
CA PHE B 128 3.50 5.62 -22.36
C PHE B 128 3.23 4.15 -22.58
N ALA B 129 4.29 3.43 -22.93
CA ALA B 129 4.24 1.98 -22.96
C ALA B 129 5.57 1.43 -22.44
N LEU B 130 5.49 0.29 -21.76
CA LEU B 130 6.67 -0.39 -21.27
C LEU B 130 7.10 -1.52 -22.19
N TRP B 131 8.42 -1.64 -22.40
CA TRP B 131 8.96 -2.72 -23.20
C TRP B 131 9.91 -3.60 -22.40
N ALA B 132 9.54 -4.85 -22.17
CA ALA B 132 10.39 -5.77 -21.43
C ALA B 132 10.58 -7.06 -22.20
N VAL B 133 11.69 -7.75 -21.97
CA VAL B 133 11.95 -9.02 -22.63
C VAL B 133 12.19 -10.11 -21.59
N LYS B 134 12.08 -11.38 -21.99
CA LYS B 134 12.38 -12.48 -21.09
C LYS B 134 13.87 -12.43 -20.83
N LYS B 135 14.31 -12.95 -19.67
CA LYS B 135 15.64 -12.62 -19.17
C LYS B 135 16.79 -13.05 -20.09
N LYS B 136 16.89 -14.33 -20.41
CA LYS B 136 18.03 -14.78 -21.20
C LYS B 136 17.72 -14.74 -22.70
N ALA B 137 16.58 -14.17 -23.05
CA ALA B 137 16.10 -14.08 -24.43
C ALA B 137 17.06 -13.43 -25.41
N LYS B 138 17.02 -13.91 -26.65
CA LYS B 138 17.52 -13.13 -27.77
C LYS B 138 16.25 -12.55 -28.40
N TRP B 139 16.05 -11.25 -28.20
CA TRP B 139 14.73 -10.67 -28.44
C TRP B 139 14.54 -10.23 -29.88
N VAL B 140 13.36 -9.67 -30.17
CA VAL B 140 12.95 -9.45 -31.54
C VAL B 140 13.49 -8.13 -32.09
N PHE B 141 13.07 -7.01 -31.52
CA PHE B 141 13.39 -5.69 -32.08
C PHE B 141 12.98 -5.51 -33.53
N ASN B 142 13.93 -5.60 -34.47
CA ASN B 142 13.59 -5.52 -35.89
C ASN B 142 13.20 -4.11 -36.40
N LYS B 143 14.23 -3.28 -36.50
CA LYS B 143 14.15 -1.95 -37.12
C LYS B 143 14.22 -1.93 -38.65
N PRO B 144 13.39 -1.07 -39.28
CA PRO B 144 13.33 -0.73 -40.71
C PRO B 144 14.65 -0.18 -41.31
N LYS B 145 14.59 0.26 -42.57
CA LYS B 145 15.70 0.87 -43.32
C LYS B 145 16.49 2.07 -42.73
N ASN B 146 15.88 2.96 -41.95
CA ASN B 146 16.61 4.21 -41.65
C ASN B 146 17.56 4.25 -40.43
N GLU B 147 17.04 4.55 -39.25
CA GLU B 147 17.89 4.86 -38.10
C GLU B 147 17.09 5.21 -36.84
N LYS B 148 17.72 4.98 -35.70
CA LYS B 148 17.32 5.43 -34.37
C LYS B 148 15.86 5.13 -34.00
N TYR B 149 15.31 5.84 -33.00
CA TYR B 149 14.05 5.42 -32.33
C TYR B 149 13.40 6.24 -31.18
N LEU B 150 12.50 5.49 -30.52
CA LEU B 150 11.76 5.73 -29.26
C LEU B 150 10.39 6.39 -29.27
N ARG B 151 10.00 7.02 -30.38
CA ARG B 151 8.70 7.67 -30.44
C ARG B 151 8.05 7.33 -31.77
N PRO B 152 7.29 6.22 -31.79
CA PRO B 152 6.67 5.62 -32.99
C PRO B 152 5.87 6.63 -33.82
N LEU B 153 5.16 7.52 -33.16
CA LEU B 153 4.24 8.41 -33.86
C LEU B 153 4.38 9.84 -33.35
N LEU B 155 2.12 11.61 -34.91
CA LEU B 155 0.69 11.92 -34.84
C LEU B 155 0.46 12.97 -33.77
N SER B 173 -5.26 3.46 -31.76
CA SER B 173 -5.18 3.70 -33.19
C SER B 173 -4.44 2.56 -33.85
N LEU B 174 -4.96 2.14 -35.00
CA LEU B 174 -4.38 1.01 -35.72
C LEU B 174 -2.93 1.25 -36.15
N ALA B 175 -2.63 2.47 -36.60
CA ALA B 175 -1.31 2.76 -37.14
C ALA B 175 -0.24 2.61 -36.08
N LEU B 176 -0.55 3.06 -34.87
CA LEU B 176 0.35 2.93 -33.73
C LEU B 176 0.64 1.46 -33.45
N MET B 177 -0.43 0.69 -33.27
CA MET B 177 -0.29 -0.74 -32.97
C MET B 177 0.41 -1.51 -34.09
N GLU B 178 0.16 -1.10 -35.33
CA GLU B 178 0.80 -1.78 -36.46
C GLU B 178 2.32 -1.62 -36.37
N LYS B 179 2.79 -0.45 -35.93
CA LYS B 179 4.24 -0.24 -35.88
C LYS B 179 4.86 -0.91 -34.67
N ILE B 180 4.14 -0.87 -33.56
CA ILE B 180 4.57 -1.57 -32.36
C ILE B 180 4.67 -3.05 -32.67
N ILE B 181 3.62 -3.60 -33.27
CA ILE B 181 3.62 -5.00 -33.62
C ILE B 181 4.61 -5.28 -34.75
N SER B 182 4.78 -4.33 -35.67
CA SER B 182 5.78 -4.52 -36.73
C SER B 182 7.17 -4.63 -36.15
N ILE B 183 7.41 -3.86 -35.09
CA ILE B 183 8.72 -3.87 -34.44
C ILE B 183 8.90 -5.14 -33.63
N HIS B 184 8.19 -5.28 -32.52
CA HIS B 184 8.57 -6.27 -31.52
C HIS B 184 8.13 -7.72 -31.79
N THR B 185 7.47 -7.97 -32.92
CA THR B 185 7.18 -9.36 -33.27
C THR B 185 7.62 -9.62 -34.70
N ASN B 186 7.72 -10.90 -35.03
CA ASN B 186 8.03 -11.34 -36.38
C ASN B 186 6.77 -11.98 -36.97
N PRO B 187 6.71 -12.09 -38.31
CA PRO B 187 5.50 -12.47 -39.06
C PRO B 187 4.70 -13.68 -38.56
N ASN B 188 5.28 -14.82 -38.20
CA ASN B 188 4.41 -15.92 -37.74
C ASN B 188 4.32 -16.08 -36.20
N ASP B 189 4.95 -15.18 -35.44
CA ASP B 189 4.95 -15.22 -33.95
C ASP B 189 3.54 -15.05 -33.33
N ILE B 190 3.33 -15.53 -32.10
CA ILE B 190 1.99 -15.46 -31.46
C ILE B 190 1.79 -14.33 -30.43
N VAL B 191 0.86 -13.40 -30.71
CA VAL B 191 0.60 -12.26 -29.81
C VAL B 191 -0.65 -12.39 -28.97
N LEU B 192 -0.51 -12.12 -27.67
CA LEU B 192 -1.61 -12.28 -26.71
C LEU B 192 -1.99 -10.95 -26.09
N ASP B 193 -3.28 -10.66 -26.09
CA ASP B 193 -3.80 -9.45 -25.49
C ASP B 193 -4.92 -9.80 -24.53
N PRO B 194 -4.58 -10.00 -23.26
CA PRO B 194 -5.56 -10.36 -22.23
C PRO B 194 -6.64 -9.28 -22.10
N PHE B 195 -6.29 -8.03 -22.34
CA PHE B 195 -7.32 -7.03 -22.50
C PHE B 195 -7.25 -6.41 -23.90
N MET B 196 -8.09 -6.88 -24.82
CA MET B 196 -7.97 -6.43 -26.20
C MET B 196 -8.91 -5.30 -26.51
N GLY B 197 -9.87 -5.07 -25.61
CA GLY B 197 -10.86 -4.02 -25.83
C GLY B 197 -11.56 -4.13 -27.16
N SER B 198 -11.46 -3.05 -27.93
CA SER B 198 -12.05 -2.95 -29.26
C SER B 198 -11.46 -3.94 -30.27
N GLY B 199 -10.45 -4.71 -29.85
CA GLY B 199 -9.55 -5.36 -30.79
C GLY B 199 -8.46 -4.35 -31.08
N THR B 200 -8.05 -4.28 -32.34
CA THR B 200 -7.05 -3.32 -32.85
C THR B 200 -5.64 -3.74 -32.50
N THR B 201 -5.49 -4.57 -31.48
CA THR B 201 -4.22 -5.22 -31.26
C THR B 201 -4.24 -6.42 -32.16
N GLY B 202 -5.40 -7.06 -32.19
CA GLY B 202 -5.62 -8.21 -33.04
C GLY B 202 -5.66 -7.81 -34.51
N LEU B 203 -6.29 -6.68 -34.80
CA LEU B 203 -6.40 -6.23 -36.19
C LEU B 203 -5.02 -5.93 -36.76
N ALA B 204 -4.16 -5.32 -35.94
CA ALA B 204 -2.81 -5.06 -36.40
C ALA B 204 -2.13 -6.38 -36.72
N CYS B 205 -2.31 -7.36 -35.84
CA CYS B 205 -1.76 -8.69 -36.05
C CYS B 205 -2.29 -9.34 -37.31
N LYS B 206 -3.57 -9.10 -37.60
CA LYS B 206 -4.21 -9.70 -38.77
C LYS B 206 -3.66 -9.09 -40.05
N ASN B 207 -3.55 -7.76 -40.08
CA ASN B 207 -2.99 -7.07 -41.23
C ASN B 207 -1.54 -7.46 -41.44
N LEU B 208 -0.85 -7.75 -40.34
CA LEU B 208 0.56 -8.11 -40.40
C LEU B 208 0.75 -9.64 -40.37
N GLU B 209 -0.37 -10.37 -40.38
CA GLU B 209 -0.36 -11.83 -40.45
C GLU B 209 0.33 -12.47 -39.23
N ARG B 210 0.09 -11.94 -38.04
CA ARG B 210 0.84 -12.35 -36.86
C ARG B 210 0.17 -13.29 -35.84
N ASN B 211 -0.97 -13.91 -36.15
CA ASN B 211 -1.50 -14.96 -35.24
C ASN B 211 -1.83 -14.46 -33.82
N PHE B 212 -2.97 -13.78 -33.71
CA PHE B 212 -3.41 -13.16 -32.46
C PHE B 212 -4.24 -14.06 -31.51
N ILE B 213 -4.07 -13.85 -30.21
CA ILE B 213 -5.03 -14.32 -29.21
C ILE B 213 -5.42 -13.12 -28.33
N GLY B 214 -6.69 -13.02 -27.97
CA GLY B 214 -7.12 -11.92 -27.14
C GLY B 214 -8.30 -12.26 -26.25
N ILE B 215 -8.45 -11.52 -25.17
CA ILE B 215 -9.53 -11.75 -24.23
C ILE B 215 -10.24 -10.43 -23.96
N GLU B 216 -11.55 -10.47 -23.85
CA GLU B 216 -12.27 -9.27 -23.44
C GLU B 216 -13.43 -9.62 -22.50
N SER B 217 -13.51 -8.91 -21.39
CA SER B 217 -14.53 -9.16 -20.37
C SER B 217 -15.88 -8.55 -20.72
N GLU B 218 -15.86 -7.32 -21.24
CA GLU B 218 -17.08 -6.59 -21.49
C GLU B 218 -17.68 -7.07 -22.79
N LYS B 219 -18.98 -7.34 -22.80
CA LYS B 219 -19.59 -8.05 -23.92
C LYS B 219 -19.69 -7.14 -25.14
N GLU B 220 -19.93 -5.86 -24.90
CA GLU B 220 -20.10 -4.90 -25.99
C GLU B 220 -18.82 -4.75 -26.81
N TYR B 221 -17.69 -4.60 -26.13
CA TYR B 221 -16.40 -4.46 -26.80
C TYR B 221 -15.97 -5.75 -27.49
N PHE B 222 -16.29 -6.89 -26.87
CA PHE B 222 -15.95 -8.19 -27.44
C PHE B 222 -16.62 -8.39 -28.78
N GLN B 223 -17.92 -8.13 -28.84
CA GLN B 223 -18.64 -8.27 -30.10
C GLN B 223 -18.15 -7.21 -31.09
N THR B 224 -17.65 -6.09 -30.56
CA THR B 224 -17.02 -5.08 -31.41
C THR B 224 -15.78 -5.66 -32.07
N ALA B 225 -14.91 -6.29 -31.27
CA ALA B 225 -13.70 -6.92 -31.78
C ALA B 225 -13.98 -8.12 -32.66
N LYS B 226 -15.04 -8.86 -32.32
CA LYS B 226 -15.39 -10.07 -33.06
C LYS B 226 -15.89 -9.72 -34.45
N LYS B 227 -16.61 -8.60 -34.57
CA LYS B 227 -17.09 -8.19 -35.88
C LYS B 227 -15.96 -7.55 -36.66
N ARG B 228 -15.11 -6.79 -35.95
CA ARG B 228 -14.00 -6.09 -36.59
C ARG B 228 -13.00 -7.04 -37.23
N LEU B 229 -12.90 -8.25 -36.68
CA LEU B 229 -12.02 -9.26 -37.25
C LEU B 229 -12.87 -10.08 -38.25
N ASN B 230 -13.69 -11.00 -37.73
CA ASN B 230 -14.84 -11.68 -38.39
C ASN B 230 -15.39 -12.85 -37.54
N LEU B 231 -16.62 -13.26 -37.84
CA LEU B 231 -17.32 -14.27 -37.04
C LEU B 231 -17.95 -15.39 -37.87
N MET C 1 -14.86 18.50 38.36
CA MET C 1 -15.33 19.28 37.22
C MET C 1 -15.82 18.40 36.08
N ILE C 2 -17.06 18.59 35.70
CA ILE C 2 -17.63 17.89 34.55
C ILE C 2 -18.27 18.89 33.61
N GLN C 3 -17.91 18.79 32.33
CA GLN C 3 -18.38 19.72 31.31
C GLN C 3 -18.75 18.93 30.06
N ILE C 4 -20.00 19.03 29.60
CA ILE C 4 -20.41 18.30 28.41
C ILE C 4 -20.93 19.26 27.35
N TYR C 5 -20.85 18.86 26.10
CA TYR C 5 -21.31 19.69 25.00
C TYR C 5 -22.27 18.95 24.10
N HIS C 6 -23.26 19.68 23.61
CA HIS C 6 -24.12 19.20 22.56
C HIS C 6 -23.69 19.85 21.27
N ALA C 7 -22.99 19.09 20.42
CA ALA C 7 -22.42 19.64 19.21
C ALA C 7 -21.81 18.58 18.29
N ASP C 8 -21.32 19.04 17.15
CA ASP C 8 -20.60 18.21 16.21
C ASP C 8 -19.13 18.34 16.55
N ALA C 9 -18.48 17.20 16.80
CA ALA C 9 -17.09 17.22 17.26
C ALA C 9 -16.16 17.91 16.28
N PHE C 10 -16.55 17.97 15.00
CA PHE C 10 -15.70 18.50 13.94
C PHE C 10 -15.84 20.00 13.77
N GLU C 11 -16.62 20.63 14.63
CA GLU C 11 -16.82 22.07 14.53
C GLU C 11 -16.43 22.75 15.84
N ILE C 12 -17.06 22.34 16.95
CA ILE C 12 -16.68 22.83 18.27
C ILE C 12 -15.18 22.63 18.58
N ILE C 13 -14.53 21.69 17.90
CA ILE C 13 -13.10 21.46 18.05
C ILE C 13 -12.30 22.73 17.71
N LYS C 14 -12.79 23.52 16.76
CA LYS C 14 -12.13 24.77 16.39
C LYS C 14 -12.26 25.79 17.50
N ASP C 15 -13.41 25.78 18.17
CA ASP C 15 -13.62 26.64 19.34
C ASP C 15 -12.64 26.28 20.45
N PHE C 16 -12.26 25.00 20.51
CA PHE C 16 -11.28 24.53 21.50
C PHE C 16 -9.89 25.07 21.23
N TYR C 17 -9.58 25.31 19.96
CA TYR C 17 -8.31 25.87 19.54
C TYR C 17 -8.19 27.33 19.97
N GLN C 18 -9.33 28.02 19.91
CA GLN C 18 -9.40 29.41 20.28
C GLN C 18 -9.23 29.53 21.79
N GLN C 19 -9.73 28.52 22.49
CA GLN C 19 -9.68 28.52 23.95
C GLN C 19 -8.31 28.03 24.40
N ASN C 20 -7.48 27.62 23.44
CA ASN C 20 -6.21 26.95 23.72
C ASN C 20 -6.39 25.88 24.81
N LEU C 21 -7.24 24.90 24.51
CA LEU C 21 -7.55 23.84 25.46
C LEU C 21 -6.49 22.74 25.44
N LYS C 22 -6.21 22.16 26.60
CA LYS C 22 -5.33 21.02 26.69
C LYS C 22 -5.96 19.95 27.56
N VAL C 23 -5.93 18.71 27.07
CA VAL C 23 -6.51 17.58 27.78
C VAL C 23 -5.48 16.49 28.07
N ASP C 24 -5.68 15.75 29.15
CA ASP C 24 -4.72 14.72 29.56
C ASP C 24 -4.88 13.40 28.78
N ALA C 25 -6.11 12.95 28.57
CA ALA C 25 -6.34 11.70 27.85
C ALA C 25 -7.63 11.77 27.04
N ILE C 26 -7.60 11.21 25.82
CA ILE C 26 -8.82 11.08 25.06
C ILE C 26 -9.24 9.61 25.02
N ILE C 27 -10.37 9.32 25.65
CA ILE C 27 -10.91 7.95 25.69
C ILE C 27 -12.29 7.91 25.09
N THR C 28 -12.41 7.24 23.95
CA THR C 28 -13.63 7.34 23.16
C THR C 28 -13.90 6.09 22.34
N ASP C 29 -15.15 5.96 21.88
CA ASP C 29 -15.55 4.93 20.93
C ASP C 29 -16.32 5.63 19.80
N PRO C 30 -15.60 6.08 18.77
CA PRO C 30 -16.23 6.82 17.65
C PRO C 30 -17.28 6.02 16.87
N PRO C 31 -18.25 6.72 16.25
CA PRO C 31 -19.30 6.07 15.46
C PRO C 31 -18.83 5.62 14.07
N LEU C 62 -13.50 9.44 10.39
CA LEU C 62 -13.15 8.32 11.29
C LEU C 62 -11.65 8.20 11.56
N LEU C 63 -10.84 8.49 10.56
CA LEU C 63 -9.43 8.72 10.82
C LEU C 63 -9.10 10.19 11.16
N GLU C 64 -9.86 11.13 10.59
CA GLU C 64 -9.42 12.51 10.56
C GLU C 64 -9.70 13.28 11.86
N TRP C 65 -10.70 12.83 12.62
CA TRP C 65 -10.97 13.47 13.90
C TRP C 65 -9.75 13.37 14.80
N ILE C 66 -9.02 12.27 14.66
CA ILE C 66 -7.79 12.06 15.42
C ILE C 66 -6.82 13.19 15.17
N ALA C 67 -6.58 13.50 13.91
CA ALA C 67 -5.63 14.56 13.55
C ALA C 67 -6.06 15.91 14.11
N ARG C 68 -7.37 16.16 14.16
CA ARG C 68 -7.85 17.45 14.66
C ARG C 68 -7.90 17.48 16.19
N TYR C 69 -8.18 16.34 16.82
CA TYR C 69 -8.25 16.34 18.28
C TYR C 69 -6.90 16.01 18.94
N ALA C 70 -5.92 15.57 18.14
CA ALA C 70 -4.58 15.29 18.66
C ALA C 70 -3.85 16.52 19.25
N PRO C 71 -3.99 17.72 18.63
CA PRO C 71 -3.28 18.87 19.19
C PRO C 71 -3.69 19.26 20.62
N LEU C 72 -4.86 18.80 21.05
CA LEU C 72 -5.37 19.11 22.38
C LEU C 72 -4.63 18.37 23.49
N VAL C 73 -3.89 17.32 23.12
CA VAL C 73 -3.31 16.40 24.08
C VAL C 73 -2.00 16.87 24.72
N ASN C 74 -1.93 16.76 26.05
CA ASN C 74 -0.72 17.09 26.81
C ASN C 74 0.49 16.23 26.44
N PRO C 75 1.70 16.76 26.70
CA PRO C 75 2.97 16.08 26.34
C PRO C 75 3.08 14.65 26.87
N ASN C 76 2.53 14.40 28.04
CA ASN C 76 2.54 13.06 28.64
C ASN C 76 1.24 12.31 28.42
N GLY C 77 0.32 12.91 27.66
CA GLY C 77 -0.99 12.33 27.49
C GLY C 77 -1.08 11.13 26.54
N CYS C 78 -2.21 10.45 26.60
CA CYS C 78 -2.43 9.26 25.80
C CYS C 78 -3.82 9.27 25.16
N MET C 79 -4.10 8.24 24.39
CA MET C 79 -5.42 8.02 23.85
C MET C 79 -5.81 6.55 24.01
N VAL C 80 -7.09 6.31 24.26
CA VAL C 80 -7.64 4.95 24.20
C VAL C 80 -8.84 4.99 23.28
N ILE C 81 -8.74 4.32 22.14
CA ILE C 81 -9.79 4.39 21.13
C ILE C 81 -10.37 3.02 20.85
N PHE C 82 -11.64 2.84 21.18
CA PHE C 82 -12.36 1.62 20.84
C PHE C 82 -12.48 1.50 19.32
N CYS C 83 -12.28 0.30 18.80
CA CYS C 83 -12.37 0.10 17.36
C CYS C 83 -12.66 -1.35 16.96
N SER C 84 -12.75 -1.54 15.65
CA SER C 84 -13.05 -2.85 15.08
C SER C 84 -11.78 -3.42 14.47
N TYR C 85 -11.69 -4.75 14.45
CA TYR C 85 -10.49 -5.38 13.90
C TYR C 85 -10.30 -5.06 12.41
N ARG C 86 -11.31 -4.51 11.76
CA ARG C 86 -11.18 -4.09 10.38
C ARG C 86 -10.58 -2.70 10.20
N PHE C 87 -10.28 -2.07 11.33
CA PHE C 87 -9.86 -0.67 11.41
C PHE C 87 -8.59 -0.54 12.22
N ILE C 88 -8.57 -1.23 13.36
CA ILE C 88 -7.51 -1.14 14.37
C ILE C 88 -6.10 -1.02 13.76
N SER C 89 -5.81 -1.73 12.66
CA SER C 89 -4.51 -1.57 12.00
C SER C 89 -4.33 -0.19 11.37
N TYR C 90 -5.40 0.35 10.79
CA TYR C 90 -5.37 1.68 10.19
C TYR C 90 -5.21 2.77 11.25
N ILE C 91 -6.08 2.71 12.25
CA ILE C 91 -6.09 3.69 13.33
C ILE C 91 -4.72 3.75 13.99
N ALA C 92 -4.10 2.59 14.17
CA ALA C 92 -2.78 2.54 14.77
C ALA C 92 -1.76 3.30 13.91
N ASP C 93 -1.74 3.00 12.62
CA ASP C 93 -0.84 3.67 11.69
C ASP C 93 -1.11 5.17 11.60
N PHE C 94 -2.39 5.54 11.57
CA PHE C 94 -2.76 6.95 11.49
C PHE C 94 -2.27 7.70 12.72
N LEU C 95 -2.41 7.07 13.88
CA LEU C 95 -1.92 7.63 15.14
C LEU C 95 -0.40 7.90 15.11
N GLU C 96 0.37 6.95 14.58
CA GLU C 96 1.82 7.07 14.58
C GLU C 96 2.30 8.11 13.58
N GLU C 97 1.40 8.55 12.70
CA GLU C 97 1.68 9.61 11.75
C GLU C 97 1.50 11.00 12.41
N ASN C 98 0.68 11.03 13.45
CA ASN C 98 0.30 12.26 14.12
C ASN C 98 1.05 12.58 15.42
N GLY C 99 2.08 11.81 15.74
CA GLY C 99 2.90 12.12 16.90
C GLY C 99 2.58 11.28 18.12
N PHE C 100 1.90 10.17 17.89
CA PHE C 100 1.63 9.23 18.95
C PHE C 100 2.37 7.92 18.70
N VAL C 101 2.64 7.20 19.79
CA VAL C 101 3.22 5.86 19.69
C VAL C 101 2.20 4.82 20.15
N VAL C 102 1.87 3.87 19.28
CA VAL C 102 0.90 2.87 19.70
C VAL C 102 1.64 1.91 20.59
N LYS C 103 1.24 1.88 21.86
CA LYS C 103 1.94 1.03 22.82
C LYS C 103 1.36 -0.37 22.76
N ASP C 104 0.04 -0.45 22.82
CA ASP C 104 -0.61 -1.75 22.76
C ASP C 104 -2.10 -1.63 22.44
N PHE C 105 -2.78 -2.76 22.45
CA PHE C 105 -4.21 -2.84 22.27
C PHE C 105 -4.80 -3.56 23.46
N ILE C 106 -6.02 -3.21 23.83
CA ILE C 106 -6.71 -3.92 24.89
C ILE C 106 -8.01 -4.45 24.34
N GLN C 107 -8.57 -5.44 25.04
CA GLN C 107 -9.79 -6.08 24.63
C GLN C 107 -10.59 -6.46 25.87
N TRP C 108 -11.91 -6.64 25.71
CA TRP C 108 -12.75 -7.10 26.83
C TRP C 108 -13.87 -7.95 26.23
N VAL C 109 -14.31 -8.95 27.00
CA VAL C 109 -15.26 -9.95 26.50
C VAL C 109 -16.65 -9.84 27.14
N LYS C 110 -17.67 -10.11 26.35
CA LYS C 110 -19.04 -10.22 26.85
C LYS C 110 -19.42 -11.70 27.02
N ASN C 111 -20.07 -12.04 28.13
CA ASN C 111 -20.51 -13.42 28.32
C ASN C 111 -21.86 -13.64 27.63
N ASN C 112 -22.55 -12.53 27.40
CA ASN C 112 -23.84 -12.49 26.71
C ASN C 112 -23.81 -11.67 25.42
N PRO C 113 -23.79 -12.36 24.27
CA PRO C 113 -23.77 -11.68 22.96
C PRO C 113 -25.09 -11.02 22.58
N PRO C 115 -27.40 -14.18 20.22
CA PRO C 115 -26.48 -14.92 19.34
C PRO C 115 -27.07 -15.14 17.94
N ARG C 116 -26.32 -14.81 16.89
CA ARG C 116 -26.76 -15.12 15.52
C ARG C 116 -26.22 -16.52 15.21
N ASN C 117 -26.21 -16.98 13.97
CA ASN C 117 -26.00 -18.42 13.73
C ASN C 117 -24.64 -18.97 14.19
N ILE C 118 -24.70 -19.88 15.16
CA ILE C 118 -23.53 -20.30 15.94
C ILE C 118 -22.94 -21.54 15.34
N HIS C 119 -23.73 -22.12 14.47
CA HIS C 119 -23.44 -23.37 13.77
C HIS C 119 -22.61 -23.21 12.50
N ARG C 120 -22.68 -22.00 11.91
CA ARG C 120 -21.85 -21.64 10.77
C ARG C 120 -20.71 -20.67 11.14
N ARG C 121 -20.67 -20.23 12.40
CA ARG C 121 -19.79 -19.11 12.74
C ARG C 121 -19.44 -18.99 14.24
N TYR C 122 -18.35 -18.26 14.53
CA TYR C 122 -18.03 -17.94 15.92
C TYR C 122 -19.03 -16.93 16.42
N VAL C 123 -19.27 -16.93 17.72
CA VAL C 123 -20.02 -15.82 18.31
C VAL C 123 -19.03 -14.69 18.55
N GLN C 124 -19.43 -13.44 18.34
CA GLN C 124 -18.46 -12.37 18.61
C GLN C 124 -18.65 -11.90 20.03
N ASP C 125 -17.74 -12.38 20.88
CA ASP C 125 -17.70 -12.05 22.30
C ASP C 125 -16.69 -10.93 22.58
N THR C 126 -15.86 -10.62 21.60
CA THR C 126 -14.66 -9.83 21.86
C THR C 126 -14.75 -8.45 21.23
N GLU C 127 -14.45 -7.42 22.03
CA GLU C 127 -14.41 -6.03 21.58
C GLU C 127 -13.00 -5.46 21.76
N PHE C 128 -12.59 -4.51 20.91
CA PHE C 128 -11.24 -3.94 20.98
C PHE C 128 -11.15 -2.46 21.28
N ALA C 129 -9.99 -2.07 21.81
CA ALA C 129 -9.61 -0.66 21.94
C ALA C 129 -8.12 -0.53 21.72
N LEU C 130 -7.69 0.57 21.10
CA LEU C 130 -6.28 0.84 20.88
C LEU C 130 -5.72 1.77 21.97
N TRP C 131 -4.51 1.48 22.44
CA TRP C 131 -3.88 2.34 23.45
C TRP C 131 -2.61 2.99 22.89
N ALA C 132 -2.62 4.30 22.76
CA ALA C 132 -1.46 5.01 22.23
C ALA C 132 -1.08 6.16 23.16
N VAL C 133 0.19 6.51 23.16
CA VAL C 133 0.69 7.60 24.00
C VAL C 133 1.39 8.67 23.16
N LYS C 134 1.55 9.86 23.73
CA LYS C 134 2.27 10.91 23.04
C LYS C 134 3.73 10.47 22.92
N LYS C 135 4.44 10.99 21.92
CA LYS C 135 5.72 10.36 21.52
C LYS C 135 6.77 10.32 22.62
N LYS C 136 7.16 11.47 23.15
CA LYS C 136 8.20 11.50 24.17
C LYS C 136 7.52 11.43 25.55
N ALA C 137 6.22 11.15 25.56
CA ALA C 137 5.47 11.08 26.81
C ALA C 137 6.06 10.15 27.86
N LYS C 138 5.96 10.57 29.11
CA LYS C 138 6.12 9.69 30.24
C LYS C 138 4.68 9.37 30.62
N TRP C 139 4.24 8.16 30.28
CA TRP C 139 2.81 7.86 30.35
C TRP C 139 2.45 7.32 31.73
N VAL C 140 1.18 7.02 31.93
CA VAL C 140 0.65 6.71 33.25
C VAL C 140 0.78 5.23 33.64
N PHE C 141 0.14 4.35 32.88
CA PHE C 141 0.00 2.94 33.24
C PHE C 141 -0.64 2.77 34.62
N ASN C 142 0.14 2.52 35.68
CA ASN C 142 -0.45 2.41 37.03
C ASN C 142 -1.21 1.12 37.30
N LYS C 143 -0.45 0.04 37.39
CA LYS C 143 -0.96 -1.26 37.80
C LYS C 143 -1.14 -1.42 39.31
N PRO C 144 -2.27 -2.05 39.71
CA PRO C 144 -2.67 -2.49 41.06
C PRO C 144 -1.69 -3.45 41.74
N LYS C 145 -2.18 -4.11 42.79
CA LYS C 145 -1.48 -5.21 43.45
C LYS C 145 -1.55 -6.43 42.49
N ASN C 146 -2.60 -6.41 41.68
CA ASN C 146 -2.97 -7.40 40.66
C ASN C 146 -1.82 -7.45 39.63
N GLU C 147 -1.93 -8.21 38.54
CA GLU C 147 -0.88 -8.11 37.50
C GLU C 147 -1.35 -8.09 36.05
N LYS C 148 -0.69 -7.21 35.30
CA LYS C 148 -0.62 -7.21 33.84
C LYS C 148 -1.88 -7.46 32.99
N TYR C 149 -1.70 -8.49 32.17
CA TYR C 149 -2.49 -8.98 31.04
C TYR C 149 -2.99 -7.95 30.05
N LEU C 150 -3.92 -8.39 29.20
CA LEU C 150 -4.44 -7.58 28.12
C LEU C 150 -5.93 -7.28 28.18
N ARG C 151 -6.61 -7.94 29.12
CA ARG C 151 -8.07 -8.06 29.11
C ARG C 151 -8.73 -7.74 30.46
N PRO C 152 -9.14 -6.46 30.69
CA PRO C 152 -9.71 -6.06 31.98
C PRO C 152 -10.93 -6.87 32.46
N LEU C 153 -11.92 -7.11 31.61
CA LEU C 153 -13.16 -7.76 32.06
C LEU C 153 -13.92 -8.73 31.14
N ILE C 154 -14.65 -9.65 31.79
CA ILE C 154 -15.78 -10.35 31.16
C ILE C 154 -17.02 -9.61 31.68
N LEU C 155 -18.23 -10.07 31.31
CA LEU C 155 -19.45 -9.44 31.84
C LEU C 155 -20.42 -10.39 32.54
N LYS C 156 -21.61 -9.87 32.81
CA LYS C 156 -22.70 -10.62 33.41
C LYS C 156 -23.18 -11.74 32.48
N LYS C 172 -18.84 0.33 27.02
CA LYS C 172 -20.18 -0.12 27.37
C LYS C 172 -20.43 -0.13 28.88
N SER C 173 -19.91 -1.15 29.57
CA SER C 173 -20.11 -1.29 31.02
C SER C 173 -19.27 -0.29 31.81
N LEU C 174 -19.88 0.28 32.84
CA LEU C 174 -19.20 1.27 33.67
C LEU C 174 -17.95 0.67 34.32
N ALA C 175 -18.02 -0.59 34.73
CA ALA C 175 -16.90 -1.22 35.41
C ALA C 175 -15.67 -1.29 34.49
N LEU C 176 -15.92 -1.59 33.21
CA LEU C 176 -14.84 -1.61 32.23
C LEU C 176 -14.19 -0.24 32.14
N MET C 177 -15.02 0.78 31.88
CA MET C 177 -14.53 2.15 31.76
C MET C 177 -13.82 2.59 33.03
N GLU C 178 -14.34 2.15 34.17
CA GLU C 178 -13.73 2.47 35.45
C GLU C 178 -12.32 1.91 35.50
N LYS C 179 -12.11 0.72 34.93
CA LYS C 179 -10.77 0.12 35.00
C LYS C 179 -9.81 0.73 34.01
N ILE C 180 -10.32 1.08 32.83
CA ILE C 180 -9.49 1.76 31.85
C ILE C 180 -8.99 3.09 32.42
N ILE C 181 -9.94 3.86 32.96
CA ILE C 181 -9.64 5.18 33.50
C ILE C 181 -8.78 5.05 34.77
N SER C 182 -9.00 3.98 35.54
CA SER C 182 -8.17 3.73 36.73
C SER C 182 -6.73 3.47 36.34
N ILE C 183 -6.52 2.78 35.23
CA ILE C 183 -5.18 2.49 34.75
C ILE C 183 -4.59 3.74 34.13
N HIS C 184 -5.10 4.12 32.97
CA HIS C 184 -4.40 5.07 32.11
C HIS C 184 -4.52 6.55 32.51
N THR C 185 -5.24 6.84 33.60
CA THR C 185 -5.25 8.20 34.15
C THR C 185 -5.02 8.21 35.63
N ASN C 186 -4.54 9.37 36.08
CA ASN C 186 -4.37 9.70 37.49
C ASN C 186 -5.54 10.57 37.96
N PRO C 187 -5.77 10.65 39.29
CA PRO C 187 -6.98 11.25 39.84
C PRO C 187 -7.43 12.61 39.28
N ASN C 188 -6.55 13.59 39.11
CA ASN C 188 -7.05 14.89 38.63
C ASN C 188 -6.86 15.20 37.15
N ASP C 189 -6.37 14.24 36.38
CA ASP C 189 -6.14 14.45 34.95
C ASP C 189 -7.45 14.77 34.22
N ILE C 190 -7.35 15.44 33.08
CA ILE C 190 -8.55 15.79 32.31
C ILE C 190 -8.81 14.77 31.20
N VAL C 191 -9.95 14.10 31.28
CA VAL C 191 -10.30 13.09 30.30
C VAL C 191 -11.31 13.67 29.32
N LEU C 192 -11.07 13.44 28.03
CA LEU C 192 -11.93 13.99 26.99
C LEU C 192 -12.55 12.87 26.16
N ASP C 193 -13.85 12.96 25.94
CA ASP C 193 -14.57 11.99 25.13
C ASP C 193 -15.36 12.70 24.05
N PRO C 194 -14.73 12.88 22.87
CA PRO C 194 -15.37 13.59 21.77
C PRO C 194 -16.67 12.93 21.30
N PHE C 195 -16.77 11.61 21.38
CA PHE C 195 -18.06 10.93 21.23
C PHE C 195 -18.40 10.17 22.51
N MET C 196 -19.22 10.76 23.38
CA MET C 196 -19.44 10.14 24.69
C MET C 196 -20.70 9.29 24.74
N GLY C 197 -21.57 9.42 23.74
CA GLY C 197 -22.81 8.66 23.71
C GLY C 197 -23.62 8.84 24.98
N SER C 198 -23.88 7.72 25.63
CA SER C 198 -24.59 7.68 26.90
C SER C 198 -23.83 8.34 28.05
N GLY C 199 -22.59 8.78 27.82
CA GLY C 199 -21.70 9.01 28.93
C GLY C 199 -20.97 7.72 29.26
N THR C 200 -20.84 7.44 30.56
CA THR C 200 -20.21 6.25 31.13
C THR C 200 -18.69 6.34 31.08
N THR C 201 -18.19 7.19 30.19
CA THR C 201 -16.80 7.60 30.26
C THR C 201 -16.80 8.71 31.29
N GLY C 202 -17.82 9.56 31.18
CA GLY C 202 -17.99 10.67 32.11
C GLY C 202 -18.35 10.20 33.50
N LEU C 203 -19.24 9.21 33.59
CA LEU C 203 -19.68 8.68 34.88
C LEU C 203 -18.54 7.99 35.61
N ALA C 204 -17.74 7.23 34.87
CA ALA C 204 -16.58 6.55 35.44
C ALA C 204 -15.61 7.56 36.02
N CYS C 205 -15.39 8.63 35.27
CA CYS C 205 -14.51 9.72 35.69
C CYS C 205 -15.03 10.37 36.96
N LYS C 206 -16.35 10.46 37.08
CA LYS C 206 -16.95 11.11 38.24
C LYS C 206 -16.76 10.25 39.49
N ASN C 207 -16.98 8.95 39.37
CA ASN C 207 -16.79 8.06 40.51
C ASN C 207 -15.33 8.02 40.95
N LEU C 208 -14.43 8.19 39.97
CA LEU C 208 -12.99 8.18 40.22
C LEU C 208 -12.42 9.58 40.43
N GLU C 209 -13.30 10.59 40.43
CA GLU C 209 -12.92 11.98 40.71
C GLU C 209 -11.90 12.51 39.70
N ARG C 210 -12.10 12.16 38.44
CA ARG C 210 -11.18 12.48 37.34
C ARG C 210 -11.49 13.60 36.33
N ASN C 211 -12.50 14.46 36.55
CA ASN C 211 -12.63 15.65 35.68
C ASN C 211 -12.87 15.42 34.17
N PHE C 212 -14.09 15.04 33.80
CA PHE C 212 -14.48 14.72 32.43
C PHE C 212 -14.94 15.91 31.54
N ILE C 213 -14.60 15.84 30.26
CA ILE C 213 -15.24 16.66 29.20
C ILE C 213 -15.72 15.76 28.07
N GLY C 214 -16.89 16.03 27.49
CA GLY C 214 -17.40 15.19 26.43
C GLY C 214 -18.29 15.90 25.43
N ILE C 215 -18.42 15.32 24.24
CA ILE C 215 -19.25 15.92 23.19
C ILE C 215 -20.19 14.83 22.64
N GLU C 216 -21.42 15.22 22.34
CA GLU C 216 -22.38 14.30 21.71
C GLU C 216 -23.23 15.03 20.67
N SER C 217 -23.33 14.44 19.48
CA SER C 217 -24.09 15.03 18.37
C SER C 217 -25.59 14.76 18.47
N GLU C 218 -25.97 13.54 18.83
CA GLU C 218 -27.38 13.14 18.83
C GLU C 218 -28.03 13.54 20.13
N LYS C 219 -29.23 14.11 20.02
CA LYS C 219 -29.86 14.82 21.13
C LYS C 219 -30.31 13.85 22.21
N GLU C 220 -30.78 12.68 21.78
CA GLU C 220 -31.36 11.68 22.67
C GLU C 220 -30.32 11.17 23.67
N TYR C 221 -29.15 10.82 23.15
CA TYR C 221 -28.08 10.30 23.99
C TYR C 221 -27.46 11.36 24.89
N PHE C 222 -27.36 12.60 24.39
CA PHE C 222 -26.75 13.66 25.17
C PHE C 222 -27.49 13.93 26.46
N GLN C 223 -28.80 14.15 26.36
CA GLN C 223 -29.61 14.44 27.54
C GLN C 223 -29.76 13.21 28.43
N THR C 224 -29.60 12.03 27.85
CA THR C 224 -29.51 10.84 28.66
C THR C 224 -28.25 10.94 29.50
N ALA C 225 -27.15 11.36 28.87
CA ALA C 225 -25.87 11.53 29.55
C ALA C 225 -25.96 12.66 30.57
N LYS C 226 -26.73 13.69 30.25
CA LYS C 226 -26.90 14.85 31.12
C LYS C 226 -27.65 14.45 32.38
N LYS C 227 -28.55 13.48 32.24
CA LYS C 227 -29.34 13.00 33.37
C LYS C 227 -28.46 12.12 34.27
N ARG C 228 -27.63 11.29 33.64
CA ARG C 228 -26.81 10.33 34.33
C ARG C 228 -25.78 10.96 35.25
N LEU C 229 -25.27 12.14 34.89
CA LEU C 229 -24.29 12.82 35.73
C LEU C 229 -25.00 13.75 36.72
N ASN C 230 -25.46 14.90 36.19
CA ASN C 230 -26.46 15.81 36.80
C ASN C 230 -26.55 17.14 36.05
N LEU C 231 -27.63 17.87 36.32
CA LEU C 231 -28.05 19.08 35.60
C LEU C 231 -26.90 19.96 35.10
N MET D 1 20.04 38.56 -6.13
CA MET D 1 20.69 37.79 -5.08
C MET D 1 20.99 36.37 -5.50
N ILE D 2 22.25 35.99 -5.42
CA ILE D 2 22.66 34.62 -5.71
C ILE D 2 23.47 34.12 -4.52
N GLN D 3 23.13 32.94 -4.03
CA GLN D 3 23.80 32.39 -2.86
C GLN D 3 24.12 30.91 -3.10
N ILE D 4 25.40 30.53 -3.05
CA ILE D 4 25.73 29.12 -3.24
C ILE D 4 26.53 28.61 -2.05
N TYR D 5 26.43 27.30 -1.81
CA TYR D 5 27.15 26.64 -0.73
C TYR D 5 27.88 25.42 -1.26
N HIS D 6 29.06 25.13 -0.71
CA HIS D 6 29.70 23.85 -0.98
C HIS D 6 29.53 22.92 0.22
N ALA D 7 28.62 21.95 0.10
CA ALA D 7 28.27 21.13 1.25
C ALA D 7 27.40 19.92 0.89
N ASP D 8 27.09 19.12 1.90
CA ASP D 8 26.20 17.98 1.71
C ASP D 8 24.78 18.39 2.05
N ALA D 9 23.88 18.21 1.10
CA ALA D 9 22.51 18.65 1.25
C ALA D 9 21.79 18.00 2.43
N PHE D 10 22.28 16.86 2.93
CA PHE D 10 21.55 16.12 3.95
C PHE D 10 21.81 16.55 5.40
N GLU D 11 22.68 17.54 5.60
CA GLU D 11 22.99 18.08 6.93
C GLU D 11 22.86 19.60 6.95
N ILE D 12 23.49 20.30 6.00
CA ILE D 12 23.29 21.76 5.86
C ILE D 12 21.79 22.11 5.80
N ILE D 13 20.95 21.14 5.44
CA ILE D 13 19.50 21.30 5.49
C ILE D 13 19.06 21.64 6.93
N LYS D 14 19.77 21.09 7.92
CA LYS D 14 19.45 21.34 9.33
C LYS D 14 19.75 22.79 9.70
N ASP D 15 20.81 23.33 9.10
CA ASP D 15 21.15 24.73 9.28
C ASP D 15 20.05 25.61 8.69
N PHE D 16 19.42 25.12 7.62
CA PHE D 16 18.32 25.83 6.97
C PHE D 16 17.08 25.84 7.87
N TYR D 17 16.93 24.81 8.71
CA TYR D 17 15.85 24.78 9.69
C TYR D 17 16.12 25.81 10.79
N GLN D 18 17.39 25.97 11.13
CA GLN D 18 17.80 26.91 12.15
C GLN D 18 17.61 28.36 11.70
N GLN D 19 17.83 28.61 10.41
CA GLN D 19 17.74 29.95 9.83
C GLN D 19 16.29 30.30 9.50
N ASN D 20 15.40 29.33 9.75
CA ASN D 20 13.99 29.28 9.32
C ASN D 20 13.94 29.68 7.86
N LEU D 21 14.59 28.93 6.97
CA LEU D 21 14.59 29.36 5.59
C LEU D 21 13.30 28.97 4.85
N LYS D 22 12.88 29.85 3.93
CA LYS D 22 11.75 29.54 3.04
C LYS D 22 12.11 29.83 1.59
N VAL D 23 11.89 28.83 0.72
CA VAL D 23 12.17 28.96 -0.69
C VAL D 23 10.89 28.73 -1.48
N ASP D 24 10.75 29.40 -2.61
CA ASP D 24 9.52 29.33 -3.39
C ASP D 24 9.46 28.11 -4.28
N ALA D 25 10.57 27.75 -4.90
CA ALA D 25 10.55 26.59 -5.78
C ALA D 25 11.86 25.82 -5.70
N ILE D 26 11.76 24.49 -5.64
CA ILE D 26 12.94 23.66 -5.73
C ILE D 26 13.00 23.02 -7.12
N ILE D 27 14.03 23.39 -7.87
CA ILE D 27 14.26 22.84 -9.21
C ILE D 27 15.60 22.15 -9.25
N THR D 28 15.61 20.83 -9.37
CA THR D 28 16.86 20.12 -9.17
C THR D 28 16.95 18.82 -9.96
N ASP D 29 18.17 18.31 -10.11
CA ASP D 29 18.43 17.00 -10.69
C ASP D 29 19.36 16.21 -9.79
N PRO D 30 18.79 15.49 -8.83
CA PRO D 30 19.62 14.73 -7.88
C PRO D 30 20.51 13.70 -8.57
N PRO D 31 21.65 13.35 -7.96
CA PRO D 31 22.57 12.35 -8.52
C PRO D 31 22.11 10.91 -8.29
N LYS D 61 17.01 7.01 0.49
CA LYS D 61 18.10 7.31 -0.44
C LYS D 61 17.81 8.64 -1.15
N LEU D 62 17.39 8.56 -2.42
CA LEU D 62 17.03 9.74 -3.19
C LEU D 62 15.56 10.11 -3.08
N LEU D 63 14.82 9.39 -2.24
CA LEU D 63 13.47 9.86 -1.90
C LEU D 63 13.43 10.83 -0.70
N GLU D 64 14.32 10.65 0.26
CA GLU D 64 14.13 11.29 1.56
C GLU D 64 14.59 12.74 1.60
N TRP D 65 15.48 13.13 0.69
CA TRP D 65 15.90 14.53 0.61
C TRP D 65 14.66 15.38 0.41
N ILE D 66 13.69 14.79 -0.28
CA ILE D 66 12.40 15.42 -0.49
C ILE D 66 11.72 15.69 0.85
N ALA D 67 11.67 14.66 1.68
CA ALA D 67 11.01 14.75 2.98
C ALA D 67 11.65 15.80 3.86
N ARG D 68 12.96 15.94 3.74
CA ARG D 68 13.64 16.95 4.54
C ARG D 68 13.54 18.33 3.92
N TYR D 69 13.51 18.42 2.60
CA TYR D 69 13.50 19.75 2.00
C TYR D 69 12.10 20.31 1.73
N ALA D 70 11.07 19.49 1.88
CA ALA D 70 9.70 19.97 1.64
C ALA D 70 9.26 21.11 2.56
N PRO D 71 9.61 21.06 3.86
CA PRO D 71 9.13 22.15 4.70
C PRO D 71 9.62 23.56 4.30
N LEU D 72 10.68 23.60 3.50
CA LEU D 72 11.26 24.88 3.07
C LEU D 72 10.37 25.59 2.04
N VAL D 73 9.44 24.86 1.43
CA VAL D 73 8.65 25.41 0.31
C VAL D 73 7.44 26.19 0.81
N ASN D 74 7.32 27.43 0.33
CA ASN D 74 6.19 28.31 0.65
C ASN D 74 4.85 27.75 0.17
N PRO D 75 3.74 28.18 0.80
CA PRO D 75 2.43 27.60 0.48
C PRO D 75 2.04 27.55 -0.99
N ASN D 76 2.45 28.54 -1.78
CA ASN D 76 2.08 28.56 -3.20
C ASN D 76 3.19 27.96 -4.08
N GLY D 77 4.24 27.48 -3.43
CA GLY D 77 5.43 27.01 -4.09
C GLY D 77 5.27 25.65 -4.73
N CYS D 78 6.26 25.28 -5.55
CA CYS D 78 6.24 24.03 -6.29
C CYS D 78 7.58 23.32 -6.23
N MET D 79 7.65 22.16 -6.86
CA MET D 79 8.92 21.45 -7.06
C MET D 79 9.02 20.96 -8.50
N VAL D 80 10.24 21.00 -9.04
CA VAL D 80 10.51 20.38 -10.33
C VAL D 80 11.73 19.46 -10.21
N ILE D 81 11.49 18.16 -10.35
CA ILE D 81 12.55 17.18 -10.11
C ILE D 81 12.86 16.34 -11.34
N PHE D 82 14.05 16.49 -11.88
CA PHE D 82 14.50 15.62 -12.95
C PHE D 82 14.64 14.21 -12.41
N CYS D 83 14.16 13.22 -13.16
CA CYS D 83 14.25 11.84 -12.68
C CYS D 83 14.21 10.84 -13.83
N SER D 84 14.26 9.57 -13.46
CA SER D 84 14.22 8.47 -14.42
C SER D 84 12.86 7.76 -14.38
N TYR D 85 12.44 7.22 -15.53
CA TYR D 85 11.15 6.53 -15.60
C TYR D 85 11.13 5.27 -14.73
N ARG D 86 12.29 4.85 -14.25
CA ARG D 86 12.39 3.68 -13.37
C ARG D 86 12.11 4.12 -11.92
N PHE D 87 11.93 5.42 -11.75
CA PHE D 87 11.82 6.13 -10.46
C PHE D 87 10.59 7.01 -10.38
N ILE D 88 10.35 7.74 -11.47
CA ILE D 88 9.37 8.80 -11.56
C ILE D 88 8.05 8.50 -10.82
N SER D 89 7.56 7.26 -10.90
CA SER D 89 6.35 6.92 -10.15
C SER D 89 6.54 6.95 -8.62
N TYR D 90 7.69 6.49 -8.15
CA TYR D 90 8.02 6.48 -6.72
C TYR D 90 8.16 7.89 -6.15
N ILE D 91 8.92 8.71 -6.86
CA ILE D 91 9.17 10.08 -6.44
C ILE D 91 7.82 10.81 -6.36
N ALA D 92 6.97 10.57 -7.34
CA ALA D 92 5.66 11.22 -7.38
C ALA D 92 4.82 10.85 -6.17
N ASP D 93 4.74 9.55 -5.92
CA ASP D 93 3.97 9.07 -4.79
C ASP D 93 4.56 9.66 -3.51
N PHE D 94 5.88 9.69 -3.43
CA PHE D 94 6.55 10.23 -2.24
C PHE D 94 6.26 11.71 -2.04
N LEU D 95 6.24 12.46 -3.12
CA LEU D 95 5.91 13.88 -3.07
C LEU D 95 4.52 14.06 -2.46
N GLU D 96 3.58 13.23 -2.89
CA GLU D 96 2.18 13.33 -2.43
C GLU D 96 2.02 12.83 -0.99
N GLU D 97 3.05 12.18 -0.46
CA GLU D 97 3.06 11.79 0.96
C GLU D 97 3.55 12.95 1.85
N ASN D 98 4.28 13.89 1.23
CA ASN D 98 4.90 15.01 1.92
C ASN D 98 4.15 16.34 1.84
N GLY D 99 2.96 16.35 1.26
CA GLY D 99 2.19 17.59 1.25
C GLY D 99 2.21 18.36 -0.05
N PHE D 100 2.64 17.68 -1.12
CA PHE D 100 2.61 18.24 -2.46
C PHE D 100 1.61 17.48 -3.30
N VAL D 101 1.11 18.13 -4.33
CA VAL D 101 0.21 17.47 -5.29
C VAL D 101 0.90 17.34 -6.64
N VAL D 102 0.96 16.13 -7.16
CA VAL D 102 1.63 15.91 -8.44
C VAL D 102 0.74 16.34 -9.61
N LYS D 103 1.23 17.33 -10.36
CA LYS D 103 0.49 17.87 -11.49
C LYS D 103 0.78 17.13 -12.79
N ASP D 104 2.05 17.10 -13.19
CA ASP D 104 2.40 16.45 -14.44
C ASP D 104 3.90 16.20 -14.52
N PHE D 105 4.33 15.71 -15.67
CA PHE D 105 5.72 15.47 -15.96
C PHE D 105 6.06 16.27 -17.21
N ILE D 106 7.30 16.73 -17.32
CA ILE D 106 7.73 17.37 -18.57
C ILE D 106 8.92 16.58 -19.07
N GLN D 107 9.19 16.65 -20.37
CA GLN D 107 10.27 15.85 -20.94
C GLN D 107 10.97 16.59 -22.07
N TRP D 108 12.23 16.20 -22.35
CA TRP D 108 12.98 16.83 -23.44
C TRP D 108 14.02 15.95 -24.16
N VAL D 109 14.24 16.25 -25.44
CA VAL D 109 15.19 15.55 -26.31
C VAL D 109 16.27 16.60 -26.54
N LYS D 110 17.57 16.26 -26.58
CA LYS D 110 18.12 14.91 -26.44
C LYS D 110 18.58 14.68 -25.01
N ILE D 118 22.20 1.27 -30.93
CA ILE D 118 22.72 -0.06 -30.63
C ILE D 118 22.25 -1.11 -31.67
N HIS D 119 21.28 -0.70 -32.49
CA HIS D 119 20.62 -1.45 -33.60
C HIS D 119 19.59 -2.49 -33.11
N ARG D 120 19.75 -2.91 -31.86
CA ARG D 120 18.91 -3.90 -31.22
C ARG D 120 17.86 -3.38 -30.24
N ARG D 121 17.84 -2.08 -30.04
CA ARG D 121 17.04 -1.45 -29.00
C ARG D 121 16.79 0.01 -29.39
N TYR D 122 15.85 0.67 -28.71
CA TYR D 122 15.59 2.07 -28.99
C TYR D 122 16.78 2.95 -28.60
N VAL D 123 16.88 4.08 -29.28
CA VAL D 123 17.82 5.14 -28.90
C VAL D 123 17.15 5.90 -27.75
N GLN D 124 17.93 6.33 -26.76
CA GLN D 124 17.28 7.04 -25.65
C GLN D 124 17.32 8.56 -25.87
N ASP D 125 16.18 9.14 -26.27
CA ASP D 125 16.11 10.59 -26.51
C ASP D 125 15.56 11.36 -25.33
N THR D 126 14.99 10.65 -24.36
CA THR D 126 14.09 11.31 -23.41
C THR D 126 14.58 11.39 -21.98
N GLU D 127 14.46 12.59 -21.43
CA GLU D 127 14.74 12.84 -20.02
C GLU D 127 13.45 13.34 -19.40
N PHE D 128 13.24 13.03 -18.13
CA PHE D 128 11.98 13.38 -17.48
C PHE D 128 12.17 14.38 -16.35
N ALA D 129 11.10 15.08 -16.02
CA ALA D 129 11.07 15.85 -14.80
C ALA D 129 9.67 15.74 -14.18
N LEU D 130 9.61 15.68 -12.86
CA LEU D 130 8.32 15.67 -12.18
C LEU D 130 8.00 17.07 -11.71
N TRP D 131 6.75 17.47 -11.92
CA TRP D 131 6.28 18.78 -11.49
C TRP D 131 5.16 18.62 -10.47
N ALA D 132 5.39 19.12 -9.26
CA ALA D 132 4.39 19.07 -8.20
C ALA D 132 4.24 20.45 -7.56
N VAL D 133 3.07 20.71 -6.96
CA VAL D 133 2.81 21.96 -6.25
C VAL D 133 2.41 21.67 -4.81
N LYS D 134 2.49 22.66 -3.95
CA LYS D 134 2.00 22.48 -2.60
C LYS D 134 0.46 22.34 -2.62
N LYS D 135 -0.10 21.70 -1.60
CA LYS D 135 -1.46 21.16 -1.68
C LYS D 135 -2.56 22.20 -2.00
N LYS D 136 -2.77 23.19 -1.14
CA LYS D 136 -3.82 24.15 -1.38
C LYS D 136 -3.30 25.35 -2.16
N ALA D 137 -2.07 25.22 -2.66
CA ALA D 137 -1.38 26.30 -3.37
C ALA D 137 -2.16 26.95 -4.51
N LYS D 138 -1.97 28.24 -4.66
CA LYS D 138 -2.27 28.91 -5.90
C LYS D 138 -0.93 29.01 -6.59
N TRP D 139 -0.71 28.14 -7.57
CA TRP D 139 0.64 27.93 -8.08
C TRP D 139 0.93 28.88 -9.23
N VAL D 140 2.13 28.77 -9.79
CA VAL D 140 2.61 29.74 -10.76
C VAL D 140 2.13 29.39 -12.18
N PHE D 141 2.55 28.24 -12.68
CA PHE D 141 2.36 27.92 -14.11
C PHE D 141 3.03 29.02 -14.96
N ASN D 142 2.27 30.00 -15.44
CA ASN D 142 2.84 31.15 -16.15
C ASN D 142 3.26 30.75 -17.60
N LYS D 143 2.28 30.39 -18.43
CA LYS D 143 2.52 30.13 -19.85
C LYS D 143 2.62 31.40 -20.72
N PRO D 144 3.48 31.36 -21.77
CA PRO D 144 3.66 32.43 -22.77
C PRO D 144 2.35 32.83 -23.47
N LYS D 145 2.47 33.60 -24.55
CA LYS D 145 1.31 34.03 -25.37
C LYS D 145 0.39 32.86 -25.79
N ASN D 146 0.91 31.64 -25.78
CA ASN D 146 0.20 30.43 -26.21
C ASN D 146 -0.13 30.56 -27.70
N LYS D 148 -1.78 25.90 -24.43
CA LYS D 148 -0.60 25.08 -24.68
C LYS D 148 0.53 25.37 -23.71
N LEU D 150 3.97 20.48 -23.55
CA LEU D 150 4.46 19.46 -22.61
C LEU D 150 5.92 19.06 -22.90
N ARG D 151 6.45 19.50 -24.03
CA ARG D 151 7.81 19.13 -24.42
C ARG D 151 8.55 20.42 -24.84
N PRO D 152 9.22 21.06 -23.86
CA PRO D 152 9.92 22.35 -23.95
C PRO D 152 10.95 22.48 -25.08
N LEU D 153 11.77 21.46 -25.35
CA LEU D 153 12.84 21.61 -26.33
C LEU D 153 12.96 20.40 -27.26
N ILE D 154 13.47 20.64 -28.47
CA ILE D 154 13.84 19.58 -29.42
C ILE D 154 15.34 19.15 -29.40
N LEU D 155 16.22 19.96 -28.81
CA LEU D 155 17.64 19.58 -28.71
C LEU D 155 18.11 19.64 -27.25
N LYS D 172 23.31 20.38 -18.85
CA LYS D 172 21.97 20.84 -19.20
C LYS D 172 22.01 22.12 -20.04
N SER D 173 21.15 22.21 -21.05
CA SER D 173 21.12 23.39 -21.91
C SER D 173 20.52 24.54 -21.13
N LEU D 174 21.12 25.73 -21.26
CA LEU D 174 20.64 26.90 -20.53
C LEU D 174 19.21 27.21 -20.96
N ALA D 175 18.91 27.02 -22.25
CA ALA D 175 17.58 27.34 -22.79
C ALA D 175 16.47 26.50 -22.16
N LEU D 176 16.76 25.21 -21.92
CA LEU D 176 15.81 24.33 -21.25
C LEU D 176 15.50 24.85 -19.86
N MET D 177 16.53 25.03 -19.05
CA MET D 177 16.35 25.53 -17.69
C MET D 177 15.74 26.93 -17.66
N GLU D 178 16.15 27.79 -18.59
CA GLU D 178 15.61 29.14 -18.64
C GLU D 178 14.11 29.08 -18.93
N LYS D 179 13.71 28.13 -19.75
CA LYS D 179 12.30 28.07 -20.13
C LYS D 179 11.48 27.41 -19.02
N ILE D 180 12.07 26.44 -18.32
CA ILE D 180 11.40 25.87 -17.16
C ILE D 180 11.13 26.95 -16.12
N ILE D 181 12.19 27.68 -15.80
CA ILE D 181 12.13 28.73 -14.80
C ILE D 181 11.25 29.90 -15.24
N SER D 182 11.25 30.19 -16.54
CA SER D 182 10.40 31.26 -17.07
C SER D 182 8.95 30.92 -16.78
N ILE D 183 8.66 29.62 -16.88
CA ILE D 183 7.34 29.09 -16.64
C ILE D 183 7.04 29.03 -15.16
N HIS D 184 7.66 28.11 -14.43
CA HIS D 184 7.14 27.77 -13.11
C HIS D 184 7.51 28.74 -11.98
N THR D 185 8.23 29.81 -12.29
CA THR D 185 8.52 30.83 -11.28
C THR D 185 8.20 32.20 -11.82
N ASN D 186 8.08 33.16 -10.91
CA ASN D 186 7.92 34.56 -11.24
C ASN D 186 9.24 35.29 -11.01
N PRO D 187 9.34 36.56 -11.47
CA PRO D 187 10.61 37.30 -11.41
C PRO D 187 11.34 37.33 -10.07
N ASN D 188 10.71 37.63 -8.94
CA ASN D 188 11.53 37.68 -7.72
C ASN D 188 11.49 36.46 -6.78
N ASP D 189 10.80 35.39 -7.18
CA ASP D 189 10.67 34.19 -6.35
C ASP D 189 12.01 33.55 -6.05
N ILE D 190 12.08 32.77 -4.97
CA ILE D 190 13.34 32.12 -4.59
C ILE D 190 13.43 30.66 -5.05
N VAL D 191 14.42 30.39 -5.90
CA VAL D 191 14.62 29.05 -6.47
C VAL D 191 15.75 28.34 -5.76
N LEU D 192 15.52 27.08 -5.37
CA LEU D 192 16.52 26.31 -4.62
C LEU D 192 16.94 25.04 -5.38
N ASP D 193 18.25 24.84 -5.48
CA ASP D 193 18.79 23.67 -6.15
C ASP D 193 19.79 22.99 -5.21
N PRO D 194 19.28 22.05 -4.39
CA PRO D 194 20.10 21.35 -3.40
C PRO D 194 21.25 20.56 -4.02
N PHE D 195 21.06 20.02 -5.22
CA PHE D 195 22.22 19.54 -5.96
C PHE D 195 22.31 20.34 -7.26
N MET D 196 23.15 21.36 -7.30
CA MET D 196 23.15 22.28 -8.45
C MET D 196 24.19 21.90 -9.49
N GLY D 197 25.10 21.01 -9.09
CA GLY D 197 26.15 20.54 -9.98
C GLY D 197 26.97 21.66 -10.58
N SER D 198 27.02 21.66 -11.90
CA SER D 198 27.72 22.66 -12.70
C SER D 198 27.15 24.06 -12.59
N GLY D 199 26.07 24.23 -11.83
CA GLY D 199 25.25 25.43 -11.93
C GLY D 199 24.20 25.29 -13.02
N THR D 200 24.00 26.36 -13.76
CA THR D 200 23.09 26.44 -14.91
C THR D 200 21.63 26.55 -14.48
N THR D 201 21.32 26.14 -13.26
CA THR D 201 20.03 26.50 -12.68
C THR D 201 20.17 27.91 -12.12
N GLY D 202 21.31 28.13 -11.45
CA GLY D 202 21.62 29.43 -10.90
C GLY D 202 21.84 30.44 -12.01
N LEU D 203 22.49 30.00 -13.08
CA LEU D 203 22.75 30.87 -14.22
C LEU D 203 21.45 31.29 -14.92
N ALA D 204 20.51 30.36 -15.07
CA ALA D 204 19.22 30.72 -15.65
C ALA D 204 18.53 31.73 -14.75
N CYS D 205 18.56 31.43 -13.45
CA CYS D 205 17.96 32.29 -12.45
C CYS D 205 18.60 33.67 -12.43
N LYS D 206 19.91 33.75 -12.70
CA LYS D 206 20.61 35.03 -12.75
C LYS D 206 20.17 35.84 -13.95
N ASN D 207 20.11 35.18 -15.10
CA ASN D 207 19.68 35.81 -16.33
C ASN D 207 18.22 36.24 -16.27
N LEU D 208 17.41 35.48 -15.54
CA LEU D 208 16.00 35.79 -15.41
C LEU D 208 15.69 36.57 -14.13
N GLU D 209 16.74 36.89 -13.38
CA GLU D 209 16.63 37.70 -12.17
C GLU D 209 15.75 37.03 -11.10
N ARG D 210 15.94 35.72 -10.90
CA ARG D 210 15.14 34.91 -9.98
C ARG D 210 15.72 34.59 -8.60
N ASN D 211 16.83 35.18 -8.18
CA ASN D 211 17.26 34.94 -6.79
C ASN D 211 17.53 33.46 -6.47
N PHE D 212 18.67 32.95 -6.93
CA PHE D 212 19.01 31.54 -6.75
C PHE D 212 19.72 31.19 -5.43
N ILE D 213 19.43 30.01 -4.91
CA ILE D 213 20.24 29.35 -3.88
C ILE D 213 20.62 27.96 -4.37
N GLY D 214 21.85 27.53 -4.13
CA GLY D 214 22.27 26.21 -4.57
C GLY D 214 23.36 25.57 -3.75
N ILE D 215 23.39 24.24 -3.79
CA ILE D 215 24.33 23.46 -3.01
C ILE D 215 25.00 22.41 -3.89
N GLU D 216 26.30 22.21 -3.69
CA GLU D 216 26.98 21.14 -4.39
C GLU D 216 28.04 20.52 -3.48
N SER D 217 28.09 19.20 -3.45
CA SER D 217 29.02 18.49 -2.58
C SER D 217 30.44 18.43 -3.16
N GLU D 218 30.56 18.15 -4.46
CA GLU D 218 31.87 18.00 -5.07
C GLU D 218 32.46 19.35 -5.54
N LYS D 219 33.73 19.56 -5.25
CA LYS D 219 34.34 20.89 -5.41
C LYS D 219 34.54 21.28 -6.89
N GLU D 220 34.76 20.31 -7.78
CA GLU D 220 34.98 20.61 -9.19
C GLU D 220 33.81 21.35 -9.81
N TYR D 221 32.63 20.80 -9.62
CA TYR D 221 31.42 21.38 -10.17
C TYR D 221 31.12 22.71 -9.48
N PHE D 222 31.41 22.76 -8.19
CA PHE D 222 31.14 23.96 -7.41
C PHE D 222 31.91 25.16 -7.97
N GLN D 223 33.23 25.02 -8.16
CA GLN D 223 34.04 26.14 -8.65
C GLN D 223 33.70 26.53 -10.08
N THR D 224 33.22 25.56 -10.86
CA THR D 224 32.69 25.84 -12.19
C THR D 224 31.41 26.67 -12.08
N ALA D 225 30.54 26.29 -11.14
CA ALA D 225 29.31 27.02 -10.88
C ALA D 225 29.60 28.41 -10.30
N LYS D 226 30.63 28.48 -9.46
CA LYS D 226 31.02 29.72 -8.81
C LYS D 226 31.58 30.70 -9.84
N LYS D 227 32.26 30.18 -10.87
CA LYS D 227 32.85 31.03 -11.90
C LYS D 227 31.80 31.58 -12.85
N ARG D 228 30.84 30.72 -13.20
CA ARG D 228 29.78 31.05 -14.12
C ARG D 228 28.85 32.13 -13.58
N LEU D 229 28.74 32.19 -12.25
CA LEU D 229 27.89 33.17 -11.57
C LEU D 229 28.63 34.47 -11.15
N ASN D 230 29.96 34.48 -11.27
CA ASN D 230 30.78 35.70 -11.16
C ASN D 230 30.73 36.58 -9.90
N LEU D 231 30.90 36.07 -8.68
CA LEU D 231 31.12 34.68 -8.32
C LEU D 231 29.79 33.99 -7.99
#